data_9C3T
#
_entry.id   9C3T
#
_cell.length_a   137.728
_cell.length_b   137.728
_cell.length_c   167.315
_cell.angle_alpha   90.00
_cell.angle_beta   90.00
_cell.angle_gamma   90.00
#
_symmetry.space_group_name_H-M   'I 41'
#
loop_
_entity.id
_entity.type
_entity.pdbx_description
1 polymer Methyltransferase
2 polymer DNA1
3 polymer DNA2
4 non-polymer SINEFUNGIN
5 water water
#
loop_
_entity_poly.entity_id
_entity_poly.type
_entity_poly.pdbx_seq_one_letter_code
_entity_poly.pdbx_strand_id
1 'polypeptide(L)'
;MRDLIEEPGGGAASEAGAVQPAAAVPRALPSGIELHNRDFLTDAAHLPDASIDLIVADPPYGLGKDYGNDSDKRSGDDFL
AWTREWLELAIPKLKPSGSMYIFCTWQYAPEIFSFLKTQLTMVNEIIWDRRVPSMGGTTRRFTSVHDNIGFFAVSRAYYF
DLDPVRIPYDADTKKARSRKLFEGSKWLEMGYNPKDVWSVSRLHRQHAERVDHPTQKPLEIIERMVLASCPPGGRVLDPF
MGSGTTAVACARQGRDFVGYEINESYCAIAHERVNALAAPACA
;
A,B,C,D
2 'polydeoxyribonucleotide' (DT)(DT)(DG)(DT)(DA)(DA)(DA)(DC)(DT)(DA)(DG)(DC)(DC)(DA) E,G,I,K
3 'polydeoxyribonucleotide' (DA)(DT)(DG)(DG)(DC)(DT)(DA)(DG)(DT)(DT)(DT)(DA)(DC)(DA) F,H,J,L
#
loop_
_chem_comp.id
_chem_comp.type
_chem_comp.name
_chem_comp.formula
DA DNA linking 2'-DEOXYADENOSINE-5'-MONOPHOSPHATE 'C10 H14 N5 O6 P'
DC DNA linking 2'-DEOXYCYTIDINE-5'-MONOPHOSPHATE 'C9 H14 N3 O7 P'
DG DNA linking 2'-DEOXYGUANOSINE-5'-MONOPHOSPHATE 'C10 H14 N5 O7 P'
DT DNA linking THYMIDINE-5'-MONOPHOSPHATE 'C10 H15 N2 O8 P'
SFG non-polymer SINEFUNGIN 'C15 H23 N7 O5'
#
# COMPACT_ATOMS: atom_id res chain seq x y z
N LEU A 29 -30.50 -27.85 5.33
CA LEU A 29 -29.99 -26.49 5.37
C LEU A 29 -29.25 -26.22 6.68
N PRO A 30 -28.36 -25.21 6.67
CA PRO A 30 -27.68 -24.81 7.91
C PRO A 30 -28.65 -24.39 9.01
N SER A 31 -28.09 -23.95 10.14
CA SER A 31 -28.95 -23.65 11.31
C SER A 31 -29.92 -22.49 11.05
N GLY A 32 -29.43 -21.26 10.96
CA GLY A 32 -30.34 -20.11 10.86
C GLY A 32 -30.82 -19.82 9.47
N ILE A 33 -30.87 -20.82 8.60
CA ILE A 33 -31.44 -20.59 7.24
C ILE A 33 -32.87 -21.17 7.20
N GLU A 34 -33.87 -20.29 7.23
CA GLU A 34 -35.29 -20.72 7.20
C GLU A 34 -35.90 -20.31 5.85
N LEU A 35 -36.19 -21.29 4.99
CA LEU A 35 -36.79 -21.01 3.67
C LEU A 35 -38.27 -21.42 3.69
N HIS A 36 -39.18 -20.45 3.78
CA HIS A 36 -40.63 -20.75 3.88
C HIS A 36 -41.36 -20.53 2.55
N ASN A 37 -41.99 -21.57 1.99
CA ASN A 37 -42.81 -21.45 0.75
C ASN A 37 -44.20 -20.97 1.17
N ARG A 38 -44.28 -19.75 1.68
CA ARG A 38 -45.54 -19.21 2.14
C ARG A 38 -45.68 -17.74 1.73
N ASP A 39 -46.92 -17.31 1.56
CA ASP A 39 -47.22 -15.91 1.35
C ASP A 39 -46.77 -15.12 2.57
N PHE A 40 -45.96 -14.09 2.35
CA PHE A 40 -45.42 -13.33 3.47
C PHE A 40 -46.52 -12.58 4.22
N LEU A 41 -47.50 -12.06 3.49
CA LEU A 41 -48.52 -11.20 4.14
C LEU A 41 -49.48 -12.05 4.98
N THR A 42 -49.51 -13.35 4.75
CA THR A 42 -50.34 -14.27 5.56
C THR A 42 -49.51 -14.90 6.66
N ASP A 43 -48.18 -14.97 6.50
CA ASP A 43 -47.34 -15.71 7.49
C ASP A 43 -46.36 -14.80 8.22
N ALA A 44 -46.60 -13.49 8.22
CA ALA A 44 -45.69 -12.53 8.89
C ALA A 44 -45.99 -12.50 10.37
N ALA A 45 -47.25 -12.70 10.74
CA ALA A 45 -47.65 -12.73 12.16
C ALA A 45 -46.91 -13.85 12.88
N HIS A 46 -46.58 -14.91 12.16
CA HIS A 46 -45.79 -16.02 12.73
C HIS A 46 -44.40 -15.49 13.14
N LEU A 47 -43.88 -14.53 12.38
CA LEU A 47 -42.56 -13.94 12.67
C LEU A 47 -42.69 -13.00 13.87
N PRO A 48 -41.84 -13.16 14.91
CA PRO A 48 -41.92 -12.35 16.10
C PRO A 48 -41.53 -10.92 15.82
N ASP A 49 -42.17 -9.99 16.51
CA ASP A 49 -41.88 -8.54 16.32
C ASP A 49 -40.52 -8.19 16.91
N ALA A 50 -39.84 -7.20 16.33
CA ALA A 50 -38.53 -6.73 16.82
C ALA A 50 -37.55 -7.90 16.95
N SER A 51 -37.56 -8.77 15.94
CA SER A 51 -36.72 -9.99 15.94
C SER A 51 -35.74 -9.98 14.77
N ILE A 52 -35.78 -8.96 13.91
CA ILE A 52 -34.94 -8.98 12.68
C ILE A 52 -33.94 -7.82 12.69
N ASP A 53 -32.71 -8.10 12.29
CA ASP A 53 -31.63 -7.07 12.31
C ASP A 53 -31.57 -6.30 10.99
N LEU A 54 -31.91 -6.95 9.87
CA LEU A 54 -31.91 -6.27 8.56
C LEU A 54 -33.00 -6.85 7.64
N ILE A 55 -33.71 -5.97 6.93
CA ILE A 55 -34.67 -6.47 5.92
C ILE A 55 -34.08 -6.19 4.53
N VAL A 56 -33.75 -7.24 3.78
CA VAL A 56 -33.31 -7.06 2.37
C VAL A 56 -34.59 -7.29 1.54
N ALA A 57 -35.17 -6.21 1.04
CA ALA A 57 -36.45 -6.31 0.30
C ALA A 57 -36.29 -6.08 -1.19
N ASP A 58 -36.53 -7.12 -1.98
CA ASP A 58 -36.55 -6.99 -3.43
C ASP A 58 -37.95 -7.35 -3.91
N PRO A 59 -38.95 -6.55 -3.60
CA PRO A 59 -40.33 -6.91 -3.95
C PRO A 59 -40.58 -6.68 -5.42
N PRO A 60 -41.71 -7.16 -5.95
CA PRO A 60 -42.09 -6.79 -7.32
C PRO A 60 -42.10 -5.29 -7.50
N TYR A 61 -41.58 -4.84 -8.65
CA TYR A 61 -41.49 -3.42 -8.93
C TYR A 61 -42.81 -2.82 -9.41
N GLY A 62 -43.71 -3.64 -9.93
CA GLY A 62 -44.93 -3.09 -10.57
C GLY A 62 -44.64 -2.90 -12.03
N LEU A 63 -43.82 -3.77 -12.63
CA LEU A 63 -43.35 -3.59 -14.02
C LEU A 63 -43.90 -4.67 -14.97
N GLY A 64 -44.69 -5.63 -14.48
CA GLY A 64 -45.34 -6.61 -15.36
C GLY A 64 -44.50 -7.83 -15.69
N LYS A 65 -43.63 -8.24 -14.77
CA LYS A 65 -42.83 -9.47 -15.01
C LYS A 65 -43.68 -10.71 -14.64
N ASP A 66 -43.28 -11.88 -15.12
CA ASP A 66 -44.00 -13.14 -14.75
C ASP A 66 -43.18 -13.93 -13.73
N TYR A 67 -43.70 -14.04 -12.52
CA TYR A 67 -43.02 -14.83 -11.46
C TYR A 67 -43.80 -16.09 -11.23
N GLY A 68 -44.57 -16.54 -12.22
CA GLY A 68 -45.46 -17.70 -12.03
C GLY A 68 -46.71 -17.22 -11.32
N ASN A 69 -46.85 -15.91 -11.20
CA ASN A 69 -47.99 -15.31 -10.44
C ASN A 69 -48.21 -13.89 -10.96
N ASP A 70 -49.04 -13.11 -10.26
CA ASP A 70 -49.40 -11.75 -10.74
C ASP A 70 -48.93 -10.71 -9.72
N SER A 71 -47.84 -11.01 -9.02
CA SER A 71 -47.29 -10.08 -8.02
C SER A 71 -46.79 -8.80 -8.71
N ASP A 72 -46.25 -8.93 -9.92
CA ASP A 72 -45.71 -7.75 -10.65
C ASP A 72 -46.74 -7.21 -11.65
N LYS A 73 -47.94 -7.80 -11.68
CA LYS A 73 -48.97 -7.35 -12.65
C LYS A 73 -49.81 -6.25 -11.99
N ARG A 74 -49.53 -5.94 -10.73
CA ARG A 74 -50.21 -4.80 -10.08
C ARG A 74 -49.52 -3.51 -10.53
N SER A 75 -50.27 -2.41 -10.64
CA SER A 75 -49.71 -1.14 -11.12
C SER A 75 -50.40 0.06 -10.46
N GLY A 76 -49.77 1.22 -10.55
CA GLY A 76 -50.38 2.46 -10.04
C GLY A 76 -50.76 2.41 -8.58
N ASP A 77 -51.88 3.03 -8.25
CA ASP A 77 -52.27 3.12 -6.84
C ASP A 77 -52.51 1.75 -6.23
N ASP A 78 -52.90 0.76 -7.04
CA ASP A 78 -53.09 -0.58 -6.51
C ASP A 78 -51.76 -1.18 -6.07
N PHE A 79 -50.70 -0.99 -6.87
CA PHE A 79 -49.38 -1.47 -6.46
C PHE A 79 -48.87 -0.73 -5.24
N LEU A 80 -49.05 0.60 -5.20
CA LEU A 80 -48.61 1.38 -4.06
C LEU A 80 -49.40 1.04 -2.81
N ALA A 81 -50.69 0.70 -2.95
CA ALA A 81 -51.46 0.25 -1.80
C ALA A 81 -50.96 -1.10 -1.29
N TRP A 82 -50.62 -2.01 -2.19
CA TRP A 82 -50.07 -3.33 -1.77
C TRP A 82 -48.70 -3.17 -1.11
N THR A 83 -47.85 -2.30 -1.65
CA THR A 83 -46.48 -2.11 -1.13
C THR A 83 -46.57 -1.66 0.32
N ARG A 84 -47.45 -0.70 0.61
CA ARG A 84 -47.64 -0.22 1.99
C ARG A 84 -48.14 -1.34 2.91
N GLU A 85 -49.06 -2.18 2.42
CA GLU A 85 -49.60 -3.30 3.22
C GLU A 85 -48.44 -4.17 3.72
N TRP A 86 -47.58 -4.63 2.81
CA TRP A 86 -46.49 -5.55 3.22
C TRP A 86 -45.46 -4.83 4.08
N LEU A 87 -45.26 -3.53 3.84
CA LEU A 87 -44.25 -2.77 4.59
C LEU A 87 -44.71 -2.63 6.05
N GLU A 88 -46.00 -2.35 6.24
CA GLU A 88 -46.56 -2.18 7.60
C GLU A 88 -46.56 -3.52 8.35
N LEU A 89 -46.37 -4.62 7.63
CA LEU A 89 -46.24 -5.93 8.30
C LEU A 89 -44.77 -6.20 8.61
N ALA A 90 -43.85 -5.66 7.80
CA ALA A 90 -42.40 -5.97 7.96
C ALA A 90 -41.69 -5.03 8.92
N ILE A 91 -42.05 -3.75 8.93
CA ILE A 91 -41.37 -2.75 9.79
C ILE A 91 -41.45 -3.17 11.28
N PRO A 92 -42.62 -3.53 11.86
CA PRO A 92 -42.65 -3.95 13.26
C PRO A 92 -41.68 -5.08 13.61
N LYS A 93 -41.36 -5.96 12.65
CA LYS A 93 -40.43 -7.08 12.88
C LYS A 93 -38.99 -6.59 12.99
N LEU A 94 -38.78 -5.27 12.94
CA LEU A 94 -37.39 -4.76 12.95
C LEU A 94 -36.96 -4.41 14.38
N LYS A 95 -35.73 -4.79 14.75
CA LYS A 95 -35.19 -4.43 16.07
C LYS A 95 -34.91 -2.94 16.11
N PRO A 96 -34.83 -2.31 17.29
CA PRO A 96 -34.46 -0.91 17.37
C PRO A 96 -33.15 -0.54 16.67
N SER A 97 -32.28 -1.51 16.44
CA SER A 97 -30.97 -1.30 15.76
C SER A 97 -31.07 -1.74 14.30
N GLY A 98 -32.22 -2.24 13.88
CA GLY A 98 -32.37 -2.82 12.54
C GLY A 98 -32.42 -1.82 11.40
N SER A 99 -32.06 -2.28 10.22
CA SER A 99 -32.06 -1.43 9.02
C SER A 99 -32.85 -2.15 7.92
N MET A 100 -33.00 -1.52 6.75
CA MET A 100 -33.78 -2.14 5.65
C MET A 100 -33.38 -1.58 4.29
N TYR A 101 -33.08 -2.47 3.36
CA TYR A 101 -32.80 -2.07 1.96
C TYR A 101 -34.01 -2.47 1.11
N ILE A 102 -34.55 -1.53 0.35
CA ILE A 102 -35.72 -1.84 -0.52
C ILE A 102 -35.41 -1.52 -1.99
N PHE A 103 -35.52 -2.53 -2.84
CA PHE A 103 -35.32 -2.32 -4.29
C PHE A 103 -36.63 -1.86 -4.88
N CYS A 104 -36.59 -0.90 -5.80
CA CYS A 104 -37.76 -0.44 -6.52
C CYS A 104 -37.31 0.24 -7.80
N THR A 105 -38.27 0.47 -8.68
CA THR A 105 -38.03 1.23 -9.90
C THR A 105 -38.30 2.70 -9.65
N TRP A 106 -37.64 3.55 -10.46
CA TRP A 106 -37.85 4.99 -10.36
C TRP A 106 -39.30 5.38 -10.59
N GLN A 107 -40.08 4.53 -11.27
CA GLN A 107 -41.48 4.84 -11.52
C GLN A 107 -42.32 4.86 -10.24
N TYR A 108 -41.89 4.15 -9.20
CA TYR A 108 -42.60 4.15 -7.92
C TYR A 108 -41.71 4.50 -6.74
N ALA A 109 -40.42 4.78 -6.98
CA ALA A 109 -39.52 5.12 -5.89
C ALA A 109 -39.93 6.37 -5.13
N PRO A 110 -40.22 7.52 -5.76
CA PRO A 110 -40.50 8.73 -4.98
C PRO A 110 -41.65 8.58 -4.01
N GLU A 111 -42.70 7.86 -4.40
CA GLU A 111 -43.83 7.65 -3.50
C GLU A 111 -43.51 6.63 -2.42
N ILE A 112 -42.84 5.53 -2.79
CA ILE A 112 -42.47 4.52 -1.80
C ILE A 112 -41.55 5.11 -0.74
N PHE A 113 -40.53 5.84 -1.19
CA PHE A 113 -39.59 6.46 -0.26
C PHE A 113 -40.27 7.55 0.57
N SER A 114 -41.22 8.24 0.00
CA SER A 114 -41.94 9.31 0.74
C SER A 114 -42.74 8.69 1.91
N PHE A 115 -43.32 7.51 1.69
CA PHE A 115 -44.10 6.82 2.75
C PHE A 115 -43.16 6.27 3.80
N LEU A 116 -42.06 5.70 3.36
CA LEU A 116 -41.14 5.04 4.31
C LEU A 116 -40.40 6.09 5.15
N LYS A 117 -40.37 7.35 4.69
CA LYS A 117 -39.73 8.44 5.47
C LYS A 117 -40.65 8.84 6.64
N THR A 118 -41.95 8.56 6.54
CA THR A 118 -42.86 8.79 7.66
C THR A 118 -42.85 7.65 8.67
N GLN A 119 -42.28 6.50 8.31
CA GLN A 119 -42.18 5.36 9.21
C GLN A 119 -40.76 5.10 9.70
N LEU A 120 -39.76 5.39 8.86
CA LEU A 120 -38.35 5.22 9.21
C LEU A 120 -37.59 6.46 8.75
N THR A 121 -36.29 6.49 9.03
CA THR A 121 -35.40 7.53 8.55
C THR A 121 -34.51 6.98 7.45
N MET A 122 -34.36 7.75 6.38
CA MET A 122 -33.58 7.31 5.22
C MET A 122 -32.11 7.61 5.45
N VAL A 123 -31.28 6.57 5.42
CA VAL A 123 -29.84 6.74 5.58
C VAL A 123 -29.15 6.95 4.23
N ASN A 124 -29.64 6.28 3.19
CA ASN A 124 -29.01 6.37 1.88
C ASN A 124 -30.04 6.09 0.79
N GLU A 125 -29.77 6.64 -0.40
CA GLU A 125 -30.37 6.16 -1.63
C GLU A 125 -29.23 5.56 -2.45
N ILE A 126 -29.24 4.23 -2.59
CA ILE A 126 -28.21 3.52 -3.34
C ILE A 126 -28.72 3.26 -4.74
N ILE A 127 -27.91 3.65 -5.72
CA ILE A 127 -28.28 3.45 -7.14
C ILE A 127 -27.51 2.24 -7.67
N TRP A 128 -28.23 1.17 -7.97
CA TRP A 128 -27.59 0.00 -8.61
C TRP A 128 -27.47 0.24 -10.11
N ASP A 129 -26.26 0.51 -10.60
CA ASP A 129 -26.01 0.66 -12.04
C ASP A 129 -25.83 -0.75 -12.59
N ARG A 130 -26.75 -1.19 -13.42
CA ARG A 130 -26.74 -2.58 -13.93
C ARG A 130 -25.88 -2.68 -15.19
N ARG A 131 -25.21 -1.60 -15.58
CA ARG A 131 -24.29 -1.56 -16.74
C ARG A 131 -25.03 -1.92 -18.04
N VAL A 132 -25.76 -3.02 -18.05
CA VAL A 132 -26.52 -3.47 -19.25
C VAL A 132 -27.91 -2.81 -19.18
N PRO A 133 -28.28 -2.03 -20.20
CA PRO A 133 -29.58 -1.37 -20.20
C PRO A 133 -30.75 -2.26 -20.54
N SER A 134 -31.94 -1.80 -20.20
CA SER A 134 -33.18 -2.52 -20.54
C SER A 134 -33.43 -2.36 -22.03
N MET A 135 -33.90 -3.41 -22.68
CA MET A 135 -34.20 -3.37 -24.13
C MET A 135 -35.66 -2.97 -24.36
N GLY A 136 -36.04 -2.77 -25.62
CA GLY A 136 -37.42 -2.39 -25.95
C GLY A 136 -37.51 -1.80 -27.33
N GLY A 137 -36.82 -0.68 -27.57
CA GLY A 137 -36.81 -0.04 -28.88
C GLY A 137 -37.12 1.44 -28.82
N THR A 138 -37.13 2.03 -27.63
CA THR A 138 -37.52 3.45 -27.48
C THR A 138 -36.43 4.36 -27.97
N THR A 139 -36.82 5.57 -28.36
CA THR A 139 -35.88 6.62 -28.79
C THR A 139 -36.41 7.92 -28.25
N ARG A 140 -37.45 7.87 -27.42
CA ARG A 140 -38.12 9.09 -26.90
C ARG A 140 -37.81 9.31 -25.42
N ARG A 141 -36.86 8.57 -24.85
CA ARG A 141 -36.49 8.68 -23.45
C ARG A 141 -35.16 7.98 -23.28
N PHE A 142 -34.45 8.31 -22.19
CA PHE A 142 -33.15 7.67 -21.88
C PHE A 142 -33.43 6.26 -21.41
N THR A 143 -32.51 5.35 -21.63
CA THR A 143 -32.76 3.93 -21.32
C THR A 143 -32.57 3.60 -19.85
N SER A 144 -33.41 2.71 -19.31
CA SER A 144 -33.25 2.23 -17.90
C SER A 144 -31.97 1.40 -17.75
N VAL A 145 -31.11 1.81 -16.83
CA VAL A 145 -29.85 1.08 -16.55
C VAL A 145 -29.68 1.09 -15.03
N HIS A 146 -30.64 1.68 -14.33
CA HIS A 146 -30.51 1.75 -12.85
C HIS A 146 -31.74 1.33 -12.05
N ASP A 147 -31.51 0.62 -10.95
CA ASP A 147 -32.57 0.37 -9.99
C ASP A 147 -32.33 1.22 -8.76
N ASN A 148 -33.41 1.55 -8.05
CA ASN A 148 -33.34 2.38 -6.85
C ASN A 148 -33.37 1.49 -5.62
N ILE A 149 -32.42 1.72 -4.72
CA ILE A 149 -32.34 0.99 -3.44
C ILE A 149 -32.44 2.01 -2.31
N GLY A 150 -33.50 1.92 -1.53
CA GLY A 150 -33.65 2.80 -0.36
C GLY A 150 -33.08 2.18 0.90
N PHE A 151 -32.18 2.90 1.58
CA PHE A 151 -31.57 2.43 2.85
C PHE A 151 -32.21 3.20 3.97
N PHE A 152 -33.05 2.52 4.74
CA PHE A 152 -33.77 3.15 5.86
C PHE A 152 -33.35 2.56 7.20
N ALA A 153 -33.53 3.32 8.28
CA ALA A 153 -33.19 2.84 9.63
C ALA A 153 -34.33 3.17 10.60
N VAL A 154 -34.52 2.34 11.64
CA VAL A 154 -35.59 2.57 12.66
C VAL A 154 -35.20 3.76 13.52
N SER A 155 -33.97 3.74 14.00
CA SER A 155 -33.50 4.82 14.86
C SER A 155 -32.10 5.23 14.42
N ARG A 156 -31.64 6.38 14.94
CA ARG A 156 -30.29 6.85 14.62
C ARG A 156 -29.21 5.92 15.15
N ALA A 157 -29.60 4.91 15.92
CA ALA A 157 -28.61 3.96 16.48
C ALA A 157 -28.56 2.68 15.65
N TYR A 158 -28.74 2.79 14.34
CA TYR A 158 -28.74 1.60 13.47
C TYR A 158 -27.36 0.96 13.43
N TYR A 159 -27.31 -0.35 13.24
CA TYR A 159 -26.01 -1.06 13.10
C TYR A 159 -25.47 -0.82 11.71
N PHE A 160 -24.26 -0.26 11.63
CA PHE A 160 -23.59 -0.08 10.32
C PHE A 160 -22.13 -0.37 10.54
N ASP A 161 -21.62 -1.41 9.88
CA ASP A 161 -20.19 -1.72 9.96
C ASP A 161 -19.61 -1.62 8.54
N LEU A 162 -18.78 -0.60 8.32
CA LEU A 162 -18.25 -0.36 6.99
C LEU A 162 -17.06 -1.25 6.65
N ASP A 163 -16.27 -1.63 7.64
CA ASP A 163 -15.04 -2.36 7.38
C ASP A 163 -15.20 -3.64 6.57
N PRO A 164 -16.23 -4.48 6.78
CA PRO A 164 -16.34 -5.69 5.94
C PRO A 164 -16.74 -5.39 4.50
N VAL A 165 -17.16 -4.17 4.20
CA VAL A 165 -17.65 -3.84 2.83
C VAL A 165 -16.69 -2.86 2.15
N ARG A 166 -15.63 -2.45 2.85
CA ARG A 166 -14.64 -1.55 2.24
C ARG A 166 -14.04 -2.24 1.00
N ILE A 167 -13.91 -1.50 -0.08
CA ILE A 167 -13.31 -2.06 -1.33
C ILE A 167 -11.83 -1.64 -1.34
N PRO A 168 -10.88 -2.59 -1.14
CA PRO A 168 -9.46 -2.24 -1.19
C PRO A 168 -8.97 -2.05 -2.61
N TYR A 169 -8.02 -1.13 -2.75
CA TYR A 169 -7.40 -0.88 -4.04
C TYR A 169 -6.48 -2.04 -4.42
N ASP A 170 -6.16 -2.13 -5.71
CA ASP A 170 -5.08 -2.99 -6.16
C ASP A 170 -3.77 -2.21 -6.03
N ALA A 171 -2.67 -2.79 -6.51
CA ALA A 171 -1.39 -2.11 -6.38
C ALA A 171 -1.33 -0.85 -7.25
N ASP A 172 -1.77 -0.96 -8.50
CA ASP A 172 -1.67 0.16 -9.42
C ASP A 172 -2.54 1.34 -8.97
N THR A 173 -3.80 1.06 -8.60
CA THR A 173 -4.70 2.15 -8.23
C THR A 173 -4.31 2.75 -6.89
N LYS A 174 -3.81 1.94 -5.97
CA LYS A 174 -3.30 2.48 -4.70
C LYS A 174 -2.15 3.45 -4.95
N LYS A 175 -1.27 3.12 -5.90
CA LYS A 175 -0.18 4.03 -6.23
C LYS A 175 -0.70 5.31 -6.88
N ALA A 176 -1.80 5.21 -7.63
CA ALA A 176 -2.37 6.39 -8.27
C ALA A 176 -3.15 7.29 -7.31
N ARG A 177 -3.66 6.73 -6.21
CA ARG A 177 -4.42 7.51 -5.23
C ARG A 177 -3.58 7.98 -4.06
N SER A 178 -2.45 7.33 -3.80
CA SER A 178 -1.67 7.65 -2.61
C SER A 178 -0.98 9.00 -2.75
N ARG A 179 -1.11 9.83 -1.72
CA ARG A 179 -0.33 11.04 -1.55
C ARG A 179 0.16 11.07 -0.11
N LYS A 180 1.14 11.94 0.16
CA LYS A 180 1.65 12.05 1.53
C LYS A 180 0.56 12.50 2.48
N LEU A 181 -0.40 13.30 1.99
CA LEU A 181 -1.50 13.74 2.83
C LEU A 181 -2.47 12.60 3.13
N PHE A 182 -2.62 11.66 2.20
CA PHE A 182 -3.55 10.55 2.38
C PHE A 182 -2.91 9.31 3.01
N GLU A 183 -1.58 9.27 3.13
CA GLU A 183 -0.91 8.07 3.62
C GLU A 183 -1.35 7.74 5.04
N GLY A 184 -1.78 6.49 5.24
CA GLY A 184 -2.21 6.04 6.58
C GLY A 184 -3.71 6.05 6.77
N SER A 185 -4.44 6.66 5.85
CA SER A 185 -5.92 6.74 5.96
C SER A 185 -6.52 5.36 5.73
N LYS A 186 -7.66 5.07 6.34
CA LYS A 186 -8.27 3.72 6.22
C LYS A 186 -8.84 3.52 4.81
N TRP A 187 -9.34 4.57 4.17
CA TRP A 187 -9.82 4.43 2.77
C TRP A 187 -8.69 4.01 1.84
N LEU A 188 -7.46 4.45 2.13
CA LEU A 188 -6.34 4.17 1.21
C LEU A 188 -5.70 2.82 1.57
N GLU A 189 -5.62 2.50 2.86
CA GLU A 189 -4.96 1.26 3.26
C GLU A 189 -5.94 0.09 3.37
N MET A 190 -7.10 0.31 3.98
CA MET A 190 -8.07 -0.77 4.16
C MET A 190 -9.02 -0.89 2.98
N GLY A 191 -9.50 0.21 2.44
CA GLY A 191 -10.44 0.20 1.35
C GLY A 191 -11.41 1.36 1.45
N TYR A 192 -11.94 1.75 0.30
CA TYR A 192 -12.86 2.91 0.25
C TYR A 192 -14.32 2.51 0.36
N ASN A 193 -15.16 3.49 0.67
CA ASN A 193 -16.62 3.27 0.77
C ASN A 193 -17.18 2.92 -0.59
N PRO A 194 -18.05 1.90 -0.71
CA PRO A 194 -18.69 1.63 -1.99
C PRO A 194 -19.45 2.80 -2.59
N LYS A 195 -19.73 3.86 -1.83
CA LYS A 195 -20.53 5.03 -2.27
C LYS A 195 -22.01 4.64 -2.45
N ASP A 196 -22.84 5.56 -2.95
CA ASP A 196 -24.30 5.32 -3.12
C ASP A 196 -24.60 4.95 -4.57
N VAL A 197 -23.57 4.76 -5.37
CA VAL A 197 -23.80 4.25 -6.75
C VAL A 197 -22.96 2.97 -6.86
N TRP A 198 -23.62 1.84 -7.03
CA TRP A 198 -22.93 0.54 -7.15
C TRP A 198 -22.99 0.06 -8.60
N SER A 199 -21.86 0.12 -9.29
CA SER A 199 -21.79 -0.31 -10.71
C SER A 199 -21.47 -1.81 -10.76
N VAL A 200 -22.50 -2.61 -10.95
CA VAL A 200 -22.35 -4.08 -11.01
C VAL A 200 -23.25 -4.59 -12.14
N SER A 201 -22.68 -5.34 -13.07
CA SER A 201 -23.48 -5.79 -14.22
C SER A 201 -24.59 -6.73 -13.76
N ARG A 202 -25.70 -6.74 -14.48
CA ARG A 202 -26.76 -7.73 -14.23
C ARG A 202 -26.20 -9.11 -14.60
N LEU A 203 -26.84 -10.16 -14.11
CA LEU A 203 -26.35 -11.53 -14.38
C LEU A 203 -26.86 -12.01 -15.75
N HIS A 204 -25.94 -12.40 -16.64
CA HIS A 204 -26.34 -12.97 -17.95
C HIS A 204 -27.03 -14.30 -17.70
N ARG A 205 -27.90 -14.73 -18.61
CA ARG A 205 -28.57 -16.05 -18.46
C ARG A 205 -27.51 -17.15 -18.34
N GLN A 206 -26.37 -16.98 -18.97
CA GLN A 206 -25.31 -18.02 -18.96
C GLN A 206 -24.33 -17.76 -17.82
N HIS A 207 -24.43 -16.63 -17.14
CA HIS A 207 -23.55 -16.35 -15.98
C HIS A 207 -23.59 -17.54 -15.01
N ALA A 208 -22.45 -17.88 -14.43
CA ALA A 208 -22.35 -19.02 -13.50
C ALA A 208 -23.36 -18.91 -12.36
N GLU A 209 -23.64 -17.71 -11.86
CA GLU A 209 -24.56 -17.50 -10.73
C GLU A 209 -26.02 -17.63 -11.18
N ARG A 210 -26.31 -17.32 -12.45
CA ARG A 210 -27.71 -17.29 -12.92
C ARG A 210 -28.44 -18.60 -12.67
N VAL A 211 -29.70 -18.51 -12.24
CA VAL A 211 -30.56 -19.72 -12.05
C VAL A 211 -31.84 -19.42 -12.83
N ASP A 212 -32.89 -20.25 -12.70
CA ASP A 212 -34.11 -20.04 -13.52
C ASP A 212 -35.08 -19.09 -12.81
N HIS A 213 -34.62 -17.89 -12.48
CA HIS A 213 -35.49 -16.85 -11.89
C HIS A 213 -35.36 -15.61 -12.79
N PRO A 214 -36.48 -14.95 -13.15
CA PRO A 214 -36.42 -13.83 -14.08
C PRO A 214 -35.71 -12.58 -13.58
N THR A 215 -35.78 -12.31 -12.29
CA THR A 215 -35.17 -11.13 -11.71
C THR A 215 -34.17 -11.54 -10.65
N GLN A 216 -33.11 -12.20 -11.05
CA GLN A 216 -32.05 -12.59 -10.09
C GLN A 216 -31.11 -11.42 -9.83
N LYS A 217 -30.93 -11.08 -8.55
CA LYS A 217 -30.00 -9.99 -8.19
C LYS A 217 -28.60 -10.56 -7.98
N PRO A 218 -27.53 -9.82 -8.32
CA PRO A 218 -26.16 -10.30 -8.12
C PRO A 218 -25.87 -10.49 -6.64
N LEU A 219 -25.15 -11.56 -6.32
CA LEU A 219 -24.75 -11.81 -4.93
C LEU A 219 -23.88 -10.66 -4.40
N GLU A 220 -23.14 -10.00 -5.29
CA GLU A 220 -22.22 -8.96 -4.87
C GLU A 220 -22.93 -7.83 -4.15
N ILE A 221 -24.07 -7.39 -4.68
CA ILE A 221 -24.76 -6.22 -4.06
C ILE A 221 -25.51 -6.66 -2.80
N ILE A 222 -26.02 -7.88 -2.79
CA ILE A 222 -26.81 -8.40 -1.63
C ILE A 222 -25.86 -8.71 -0.46
N GLU A 223 -24.70 -9.30 -0.76
CA GLU A 223 -23.70 -9.61 0.31
C GLU A 223 -23.23 -8.30 0.93
N ARG A 224 -23.04 -7.27 0.11
CA ARG A 224 -22.59 -6.00 0.66
C ARG A 224 -23.60 -5.45 1.66
N MET A 225 -24.88 -5.62 1.38
CA MET A 225 -25.92 -5.06 2.27
C MET A 225 -25.95 -5.84 3.60
N VAL A 226 -25.77 -7.15 3.54
CA VAL A 226 -25.82 -8.02 4.74
C VAL A 226 -24.56 -7.77 5.59
N LEU A 227 -23.39 -7.66 4.96
CA LEU A 227 -22.14 -7.54 5.74
C LEU A 227 -22.04 -6.16 6.39
N ALA A 228 -22.80 -5.19 5.91
CA ALA A 228 -22.65 -3.81 6.45
C ALA A 228 -23.77 -3.44 7.41
N SER A 229 -24.93 -4.06 7.25
CA SER A 229 -26.09 -3.60 8.05
C SER A 229 -26.67 -4.73 8.93
N CYS A 230 -26.20 -5.96 8.78
CA CYS A 230 -26.64 -7.05 9.69
C CYS A 230 -25.46 -7.48 10.57
N PRO A 231 -25.60 -7.40 11.90
CA PRO A 231 -24.54 -7.82 12.78
C PRO A 231 -24.27 -9.29 12.56
N PRO A 232 -23.01 -9.74 12.64
CA PRO A 232 -22.67 -11.13 12.38
C PRO A 232 -23.47 -12.08 13.27
N GLY A 233 -24.18 -13.03 12.66
CA GLY A 233 -25.03 -13.95 13.43
C GLY A 233 -26.44 -13.41 13.61
N GLY A 234 -26.75 -12.25 13.04
CA GLY A 234 -28.06 -11.63 13.23
C GLY A 234 -29.05 -12.20 12.25
N ARG A 235 -30.33 -11.88 12.44
CA ARG A 235 -31.37 -12.47 11.56
C ARG A 235 -31.72 -11.48 10.45
N VAL A 236 -31.72 -11.94 9.21
CA VAL A 236 -32.14 -11.07 8.07
C VAL A 236 -33.44 -11.64 7.49
N LEU A 237 -34.35 -10.76 7.08
CA LEU A 237 -35.64 -11.19 6.52
C LEU A 237 -35.77 -10.77 5.06
N ASP A 238 -36.07 -11.71 4.18
CA ASP A 238 -36.38 -11.37 2.77
C ASP A 238 -37.87 -11.71 2.58
N PRO A 239 -38.80 -10.75 2.73
CA PRO A 239 -40.20 -11.03 2.53
C PRO A 239 -40.45 -11.71 1.20
N PHE A 240 -39.62 -11.43 0.20
CA PHE A 240 -39.78 -11.98 -1.17
C PHE A 240 -38.40 -12.41 -1.62
N MET A 241 -37.94 -13.58 -1.20
CA MET A 241 -36.54 -14.02 -1.43
C MET A 241 -36.28 -14.54 -2.86
N GLY A 242 -37.33 -14.88 -3.59
CA GLY A 242 -37.15 -15.42 -4.94
C GLY A 242 -36.26 -16.63 -4.98
N SER A 243 -35.07 -16.51 -5.55
CA SER A 243 -34.16 -17.68 -5.75
C SER A 243 -33.18 -17.84 -4.57
N GLY A 244 -33.30 -17.02 -3.54
CA GLY A 244 -32.47 -17.18 -2.33
C GLY A 244 -31.09 -16.59 -2.43
N THR A 245 -30.97 -15.40 -3.02
CA THR A 245 -29.67 -14.72 -3.10
C THR A 245 -29.31 -14.23 -1.72
N THR A 246 -30.29 -13.74 -0.98
CA THR A 246 -30.06 -13.22 0.37
C THR A 246 -29.76 -14.39 1.29
N ALA A 247 -30.35 -15.55 1.02
CA ALA A 247 -30.04 -16.76 1.81
C ALA A 247 -28.59 -17.18 1.59
N VAL A 248 -28.14 -17.24 0.33
CA VAL A 248 -26.72 -17.59 0.03
C VAL A 248 -25.84 -16.57 0.75
N ALA A 249 -26.17 -15.29 0.62
CA ALA A 249 -25.38 -14.21 1.23
C ALA A 249 -25.39 -14.32 2.75
N CYS A 250 -26.31 -15.10 3.31
CA CYS A 250 -26.43 -15.20 4.79
C CYS A 250 -25.83 -16.53 5.19
N ALA A 251 -25.92 -17.53 4.31
CA ALA A 251 -25.26 -18.81 4.59
C ALA A 251 -23.79 -18.47 4.73
N ARG A 252 -23.14 -18.08 3.65
CA ARG A 252 -21.77 -17.56 3.78
C ARG A 252 -21.90 -16.24 4.53
N GLN A 253 -20.83 -15.71 5.10
CA GLN A 253 -20.88 -14.46 5.91
C GLN A 253 -21.57 -14.78 7.25
N GLY A 254 -22.03 -16.01 7.45
CA GLY A 254 -22.59 -16.45 8.74
C GLY A 254 -23.64 -15.53 9.29
N ARG A 255 -24.81 -15.50 8.66
CA ARG A 255 -25.92 -14.68 9.21
C ARG A 255 -27.22 -15.50 9.13
N ASP A 256 -28.17 -15.18 9.99
CA ASP A 256 -29.43 -15.96 10.06
C ASP A 256 -30.40 -15.39 9.03
N PHE A 257 -31.23 -16.26 8.46
CA PHE A 257 -32.12 -15.78 7.38
C PHE A 257 -33.52 -16.35 7.47
N VAL A 258 -34.51 -15.49 7.32
CA VAL A 258 -35.93 -15.93 7.23
C VAL A 258 -36.40 -15.44 5.85
N GLY A 259 -36.93 -16.34 5.02
CA GLY A 259 -37.35 -15.95 3.67
C GLY A 259 -38.68 -16.53 3.27
N TYR A 260 -39.46 -15.76 2.52
CA TYR A 260 -40.79 -16.22 2.05
C TYR A 260 -40.84 -16.14 0.54
N GLU A 261 -41.34 -17.18 -0.10
CA GLU A 261 -41.55 -17.16 -1.57
C GLU A 261 -42.80 -18.00 -1.91
N ILE A 262 -43.77 -17.43 -2.60
CA ILE A 262 -45.02 -18.15 -2.96
C ILE A 262 -44.70 -19.24 -4.00
N ASN A 263 -43.78 -18.98 -4.91
CA ASN A 263 -43.46 -19.94 -5.98
C ASN A 263 -42.67 -21.10 -5.39
N GLU A 264 -43.02 -22.32 -5.77
CA GLU A 264 -42.36 -23.52 -5.20
C GLU A 264 -41.05 -23.75 -5.96
N SER A 265 -41.08 -23.63 -7.28
CA SER A 265 -39.86 -23.83 -8.09
C SER A 265 -38.76 -22.89 -7.57
N TYR A 266 -39.13 -21.64 -7.29
CA TYR A 266 -38.13 -20.68 -6.80
C TYR A 266 -37.62 -21.16 -5.46
N CYS A 267 -38.55 -21.53 -4.57
CA CYS A 267 -38.17 -22.02 -3.22
C CYS A 267 -37.25 -23.23 -3.37
N ALA A 268 -37.50 -24.06 -4.37
CA ALA A 268 -36.62 -25.22 -4.64
C ALA A 268 -35.22 -24.73 -4.98
N ILE A 269 -35.11 -23.91 -6.04
CA ILE A 269 -33.78 -23.40 -6.49
C ILE A 269 -33.06 -22.81 -5.27
N ALA A 270 -33.80 -22.14 -4.40
CA ALA A 270 -33.19 -21.52 -3.21
C ALA A 270 -32.48 -22.59 -2.38
N HIS A 271 -33.15 -23.70 -2.13
CA HIS A 271 -32.58 -24.79 -1.29
C HIS A 271 -31.31 -25.29 -1.97
N GLU A 272 -31.40 -25.61 -3.26
CA GLU A 272 -30.23 -26.13 -3.99
C GLU A 272 -29.07 -25.15 -3.83
N ARG A 273 -29.34 -23.85 -3.94
CA ARG A 273 -28.27 -22.83 -3.88
C ARG A 273 -27.63 -22.84 -2.48
N VAL A 274 -28.44 -23.02 -1.44
CA VAL A 274 -27.91 -23.00 -0.04
C VAL A 274 -27.30 -24.38 0.26
N ASN A 275 -27.72 -25.39 -0.48
CA ASN A 275 -27.15 -26.73 -0.30
C ASN A 275 -26.04 -27.00 -1.31
N ALA A 276 -25.21 -25.99 -1.57
CA ALA A 276 -24.08 -26.20 -2.47
C ALA A 276 -22.85 -25.38 -2.05
N LEU A 277 -22.83 -24.83 -0.84
CA LEU A 277 -21.76 -23.96 -0.38
C LEU A 277 -20.88 -24.72 0.62
N LEU B 29 -23.65 40.72 -25.41
CA LEU B 29 -24.48 39.52 -25.25
C LEU B 29 -25.14 39.12 -26.56
N PRO B 30 -24.90 37.87 -26.99
CA PRO B 30 -25.55 37.37 -28.21
C PRO B 30 -27.07 37.50 -28.19
N SER B 31 -27.69 37.35 -29.35
CA SER B 31 -29.14 37.44 -29.45
C SER B 31 -29.78 36.15 -28.95
N GLY B 32 -30.97 36.28 -28.37
CA GLY B 32 -31.71 35.13 -27.89
C GLY B 32 -31.24 34.69 -26.52
N ILE B 33 -30.05 35.11 -26.12
CA ILE B 33 -29.46 34.73 -24.85
C ILE B 33 -29.73 35.88 -23.87
N GLU B 34 -30.54 35.61 -22.85
CA GLU B 34 -31.07 36.64 -21.96
C GLU B 34 -30.68 36.31 -20.53
N LEU B 35 -29.95 37.23 -19.89
CA LEU B 35 -29.48 37.05 -18.52
C LEU B 35 -30.07 38.14 -17.64
N HIS B 36 -30.59 37.74 -16.48
CA HIS B 36 -31.25 38.66 -15.56
C HIS B 36 -30.69 38.46 -14.16
N ASN B 37 -30.38 39.58 -13.49
CA ASN B 37 -29.94 39.55 -12.10
C ASN B 37 -31.12 39.89 -11.19
N ARG B 38 -32.07 38.96 -11.14
CA ARG B 38 -33.31 39.16 -10.40
C ARG B 38 -33.72 37.86 -9.72
N ASP B 39 -34.64 37.98 -8.78
CA ASP B 39 -35.31 36.80 -8.23
C ASP B 39 -36.29 36.27 -9.26
N PHE B 40 -36.15 34.98 -9.61
CA PHE B 40 -37.07 34.39 -10.58
C PHE B 40 -38.50 34.43 -10.07
N LEU B 41 -38.70 34.17 -8.78
CA LEU B 41 -40.04 34.02 -8.24
C LEU B 41 -40.84 35.32 -8.30
N THR B 42 -40.14 36.45 -8.30
CA THR B 42 -40.81 37.77 -8.34
C THR B 42 -40.92 38.25 -9.77
N ASP B 43 -40.04 37.81 -10.67
CA ASP B 43 -40.04 38.28 -12.09
C ASP B 43 -40.68 37.23 -13.00
N ALA B 44 -41.49 36.34 -12.45
CA ALA B 44 -42.09 35.26 -13.25
C ALA B 44 -43.13 35.84 -14.21
N ALA B 45 -43.87 36.84 -13.74
CA ALA B 45 -44.93 37.45 -14.56
C ALA B 45 -44.35 37.98 -15.87
N HIS B 46 -43.08 38.34 -15.86
CA HIS B 46 -42.45 38.92 -17.06
C HIS B 46 -42.25 37.85 -18.12
N LEU B 47 -42.35 36.59 -17.72
CA LEU B 47 -42.14 35.48 -18.67
C LEU B 47 -43.51 35.08 -19.24
N PRO B 48 -43.71 35.17 -20.55
CA PRO B 48 -44.99 34.80 -21.13
C PRO B 48 -45.28 33.34 -20.86
N ASP B 49 -46.53 33.02 -20.58
CA ASP B 49 -46.93 31.62 -20.31
C ASP B 49 -46.84 30.80 -21.60
N ALA B 50 -46.45 29.53 -21.49
CA ALA B 50 -46.34 28.62 -22.63
C ALA B 50 -45.40 29.16 -23.70
N SER B 51 -44.27 29.70 -23.27
CA SER B 51 -43.28 30.26 -24.19
C SER B 51 -41.93 29.56 -24.13
N ILE B 52 -41.75 28.61 -23.22
CA ILE B 52 -40.46 27.97 -22.98
C ILE B 52 -40.54 26.51 -23.40
N ASP B 53 -39.57 26.08 -24.21
CA ASP B 53 -39.52 24.70 -24.65
C ASP B 53 -38.94 23.78 -23.59
N LEU B 54 -37.92 24.25 -22.85
CA LEU B 54 -37.22 23.40 -21.90
C LEU B 54 -36.83 24.22 -20.68
N ILE B 55 -37.02 23.64 -19.50
CA ILE B 55 -36.57 24.21 -18.24
C ILE B 55 -35.44 23.34 -17.72
N VAL B 56 -34.24 23.90 -17.65
CA VAL B 56 -33.09 23.22 -17.06
C VAL B 56 -32.89 23.86 -15.69
N ALA B 57 -33.40 23.20 -14.65
CA ALA B 57 -33.43 23.76 -13.31
C ALA B 57 -32.38 23.06 -12.45
N ASP B 58 -31.43 23.84 -11.93
CA ASP B 58 -30.49 23.39 -10.91
C ASP B 58 -30.72 24.24 -9.67
N PRO B 59 -31.84 24.03 -8.98
CA PRO B 59 -32.16 24.87 -7.83
C PRO B 59 -31.34 24.47 -6.62
N PRO B 60 -31.34 25.28 -5.57
CA PRO B 60 -30.65 24.87 -4.34
C PRO B 60 -31.17 23.53 -3.83
N TYR B 61 -30.24 22.66 -3.45
CA TYR B 61 -30.62 21.32 -2.98
C TYR B 61 -31.20 21.33 -1.58
N GLY B 62 -30.90 22.37 -0.79
CA GLY B 62 -31.24 22.37 0.62
C GLY B 62 -30.14 21.71 1.42
N LEU B 63 -28.89 22.09 1.16
CA LEU B 63 -27.73 21.44 1.75
C LEU B 63 -26.84 22.39 2.55
N GLY B 64 -27.21 23.66 2.68
CA GLY B 64 -26.44 24.59 3.47
C GLY B 64 -25.30 25.28 2.74
N LYS B 65 -25.32 25.30 1.41
CA LYS B 65 -24.26 25.96 0.66
C LYS B 65 -24.38 27.49 0.80
N ASP B 66 -23.31 28.17 0.43
CA ASP B 66 -23.23 29.63 0.50
C ASP B 66 -23.00 30.17 -0.91
N TYR B 67 -24.07 30.67 -1.54
CA TYR B 67 -23.98 31.34 -2.83
C TYR B 67 -23.87 32.85 -2.68
N GLY B 68 -23.32 33.34 -1.57
CA GLY B 68 -23.47 34.73 -1.20
C GLY B 68 -24.84 35.08 -0.66
N ASN B 69 -25.78 34.14 -0.65
CA ASN B 69 -27.11 34.31 -0.09
C ASN B 69 -27.41 33.10 0.79
N ASP B 70 -28.63 33.09 1.35
CA ASP B 70 -29.08 31.99 2.20
C ASP B 70 -30.17 31.17 1.53
N SER B 71 -30.16 31.10 0.20
CA SER B 71 -31.18 30.35 -0.52
C SER B 71 -31.07 28.86 -0.26
N ASP B 72 -29.85 28.38 -0.02
CA ASP B 72 -29.64 26.93 0.26
C ASP B 72 -29.61 26.67 1.77
N LYS B 73 -30.03 27.66 2.57
CA LYS B 73 -30.10 27.46 4.03
C LYS B 73 -31.54 27.07 4.42
N ARG B 74 -32.42 26.93 3.44
CA ARG B 74 -33.80 26.46 3.73
C ARG B 74 -33.73 24.93 3.89
N SER B 75 -34.62 24.38 4.69
CA SER B 75 -34.58 22.93 4.96
C SER B 75 -35.98 22.38 5.26
N GLY B 76 -36.11 21.07 5.28
CA GLY B 76 -37.37 20.41 5.62
C GLY B 76 -38.55 20.95 4.86
N ASP B 77 -39.63 21.20 5.57
CA ASP B 77 -40.86 21.65 4.91
C ASP B 77 -40.68 23.07 4.36
N ASP B 78 -39.77 23.85 4.93
CA ASP B 78 -39.49 25.22 4.40
C ASP B 78 -38.92 25.12 2.99
N PHE B 79 -38.03 24.16 2.75
CA PHE B 79 -37.38 24.04 1.42
C PHE B 79 -38.38 23.51 0.40
N LEU B 80 -39.18 22.52 0.81
CA LEU B 80 -40.16 21.89 -0.12
C LEU B 80 -41.28 22.88 -0.46
N ALA B 81 -41.66 23.73 0.49
CA ALA B 81 -42.68 24.77 0.22
C ALA B 81 -42.15 25.76 -0.80
N TRP B 82 -40.89 26.14 -0.66
CA TRP B 82 -40.28 27.10 -1.61
C TRP B 82 -40.08 26.40 -2.95
N THR B 83 -39.77 25.11 -2.92
CA THR B 83 -39.54 24.36 -4.17
C THR B 83 -40.86 24.28 -4.90
N ARG B 84 -41.94 23.98 -4.20
CA ARG B 84 -43.27 23.81 -4.85
C ARG B 84 -43.79 25.19 -5.30
N GLU B 85 -43.31 26.26 -4.68
CA GLU B 85 -43.73 27.63 -5.07
C GLU B 85 -43.10 27.99 -6.42
N TRP B 86 -41.78 27.86 -6.52
CA TRP B 86 -41.10 28.26 -7.78
C TRP B 86 -41.53 27.33 -8.90
N LEU B 87 -41.87 26.10 -8.53
CA LEU B 87 -42.24 25.09 -9.55
C LEU B 87 -43.65 25.44 -10.06
N GLU B 88 -44.48 26.01 -9.19
CA GLU B 88 -45.86 26.39 -9.57
C GLU B 88 -45.81 27.64 -10.45
N LEU B 89 -44.72 28.38 -10.41
CA LEU B 89 -44.57 29.58 -11.26
C LEU B 89 -43.85 29.20 -12.56
N ALA B 90 -42.98 28.19 -12.51
CA ALA B 90 -42.20 27.80 -13.69
C ALA B 90 -42.97 26.87 -14.61
N ILE B 91 -43.88 26.03 -14.07
CA ILE B 91 -44.59 25.06 -14.91
C ILE B 91 -45.46 25.74 -15.96
N PRO B 92 -46.35 26.68 -15.62
CA PRO B 92 -47.22 27.26 -16.65
C PRO B 92 -46.48 28.03 -17.74
N LYS B 93 -45.16 28.17 -17.65
CA LYS B 93 -44.37 28.75 -18.70
C LYS B 93 -43.94 27.73 -19.75
N LEU B 94 -44.13 26.44 -19.48
CA LEU B 94 -43.81 25.40 -20.44
C LEU B 94 -44.95 25.26 -21.44
N LYS B 95 -44.61 25.29 -22.74
CA LYS B 95 -45.58 25.05 -23.79
C LYS B 95 -45.96 23.57 -23.77
N PRO B 96 -47.04 23.19 -24.49
CA PRO B 96 -47.50 21.78 -24.38
C PRO B 96 -46.44 20.75 -24.73
N SER B 97 -45.54 21.05 -25.66
CA SER B 97 -44.45 20.15 -25.99
C SER B 97 -43.26 20.29 -25.05
N GLY B 98 -43.38 21.11 -24.01
CA GLY B 98 -42.25 21.41 -23.17
C GLY B 98 -41.81 20.25 -22.30
N SER B 99 -40.63 20.42 -21.71
CA SER B 99 -40.05 19.43 -20.80
C SER B 99 -39.26 20.18 -19.74
N MET B 100 -38.87 19.45 -18.70
CA MET B 100 -38.13 20.07 -17.60
C MET B 100 -37.18 19.05 -16.97
N TYR B 101 -35.93 19.48 -16.75
CA TYR B 101 -34.97 18.76 -15.93
C TYR B 101 -34.77 19.53 -14.64
N ILE B 102 -34.84 18.83 -13.51
CA ILE B 102 -34.68 19.46 -12.20
C ILE B 102 -33.66 18.64 -11.40
N PHE B 103 -32.60 19.30 -10.95
CA PHE B 103 -31.64 18.67 -10.06
C PHE B 103 -32.12 18.74 -8.62
N CYS B 104 -31.76 17.74 -7.84
CA CYS B 104 -32.04 17.75 -6.41
C CYS B 104 -31.13 16.73 -5.74
N THR B 105 -31.32 16.57 -4.44
CA THR B 105 -30.63 15.57 -3.63
C THR B 105 -31.62 14.47 -3.24
N TRP B 106 -31.08 13.28 -2.98
CA TRP B 106 -31.93 12.17 -2.55
C TRP B 106 -32.67 12.48 -1.26
N GLN B 107 -32.20 13.43 -0.47
CA GLN B 107 -32.86 13.79 0.80
C GLN B 107 -34.23 14.45 0.54
N TYR B 108 -34.46 14.97 -0.66
CA TYR B 108 -35.73 15.69 -0.95
C TYR B 108 -36.33 15.21 -2.26
N ALA B 109 -35.59 14.42 -3.01
CA ALA B 109 -36.05 13.96 -4.34
C ALA B 109 -37.37 13.18 -4.22
N PRO B 110 -37.54 12.19 -3.32
CA PRO B 110 -38.84 11.51 -3.21
C PRO B 110 -40.01 12.47 -3.05
N GLU B 111 -39.85 13.51 -2.21
CA GLU B 111 -40.93 14.46 -2.02
C GLU B 111 -41.12 15.35 -3.24
N ILE B 112 -40.01 15.85 -3.80
CA ILE B 112 -40.10 16.74 -4.95
C ILE B 112 -40.71 16.01 -6.15
N PHE B 113 -40.22 14.80 -6.43
CA PHE B 113 -40.72 14.07 -7.59
C PHE B 113 -42.18 13.65 -7.41
N SER B 114 -42.59 13.39 -6.17
CA SER B 114 -43.98 12.98 -5.92
C SER B 114 -44.95 14.14 -6.21
N PHE B 115 -44.52 15.38 -5.95
CA PHE B 115 -45.39 16.56 -6.19
C PHE B 115 -45.46 16.85 -7.67
N LEU B 116 -44.35 16.67 -8.38
CA LEU B 116 -44.31 17.02 -9.81
C LEU B 116 -45.08 15.98 -10.63
N LYS B 117 -45.18 14.74 -10.14
CA LYS B 117 -46.00 13.74 -10.83
C LYS B 117 -47.47 14.06 -10.75
N THR B 118 -47.89 14.90 -9.79
CA THR B 118 -49.26 15.38 -9.75
C THR B 118 -49.52 16.51 -10.75
N GLN B 119 -48.45 17.12 -11.25
CA GLN B 119 -48.58 18.27 -12.16
C GLN B 119 -48.13 17.88 -13.56
N LEU B 120 -46.99 17.21 -13.66
CA LEU B 120 -46.45 16.79 -14.98
C LEU B 120 -46.29 15.27 -15.02
N THR B 121 -45.83 14.74 -16.14
CA THR B 121 -45.62 13.29 -16.30
C THR B 121 -44.13 13.03 -16.26
N MET B 122 -43.72 12.05 -15.47
CA MET B 122 -42.27 11.71 -15.38
C MET B 122 -41.88 10.82 -16.56
N VAL B 123 -40.85 11.22 -17.28
CA VAL B 123 -40.36 10.45 -18.45
C VAL B 123 -39.13 9.67 -17.99
N ASN B 124 -38.34 10.25 -17.10
CA ASN B 124 -37.10 9.58 -16.68
C ASN B 124 -36.55 10.09 -15.36
N GLU B 125 -35.82 9.24 -14.66
CA GLU B 125 -35.05 9.65 -13.49
C GLU B 125 -33.59 9.45 -13.86
N ILE B 126 -32.91 10.54 -14.20
CA ILE B 126 -31.51 10.50 -14.60
C ILE B 126 -30.64 10.62 -13.36
N ILE B 127 -29.72 9.67 -13.22
CA ILE B 127 -28.79 9.69 -12.07
C ILE B 127 -27.45 10.21 -12.57
N TRP B 128 -27.02 11.36 -12.05
CA TRP B 128 -25.67 11.86 -12.41
C TRP B 128 -24.61 11.27 -11.49
N ASP B 129 -23.84 10.33 -12.02
CA ASP B 129 -22.68 9.78 -11.27
C ASP B 129 -21.54 10.79 -11.37
N ARG B 130 -21.31 11.54 -10.31
CA ARG B 130 -20.26 12.58 -10.27
C ARG B 130 -18.88 11.95 -10.11
N ARG B 131 -18.78 10.61 -10.13
CA ARG B 131 -17.50 9.86 -10.04
C ARG B 131 -16.74 10.17 -8.74
N VAL B 132 -16.54 11.44 -8.44
CA VAL B 132 -15.81 11.86 -7.21
C VAL B 132 -16.82 11.95 -6.07
N PRO B 133 -16.58 11.25 -4.94
CA PRO B 133 -17.49 11.28 -3.82
C PRO B 133 -17.42 12.53 -2.97
N SER B 134 -18.48 12.78 -2.22
CA SER B 134 -18.53 13.94 -1.30
C SER B 134 -17.64 13.64 -0.08
N MET B 135 -17.13 14.68 0.57
CA MET B 135 -16.17 14.49 1.68
C MET B 135 -16.80 14.86 3.04
N GLY B 136 -16.17 14.40 4.13
CA GLY B 136 -16.67 14.70 5.49
C GLY B 136 -15.94 13.88 6.55
N GLY B 137 -16.11 12.57 6.52
CA GLY B 137 -15.39 11.70 7.46
C GLY B 137 -16.28 10.59 7.98
N THR B 138 -17.44 10.40 7.37
CA THR B 138 -18.40 9.43 7.91
C THR B 138 -17.96 8.02 7.66
N THR B 139 -18.50 7.10 8.45
CA THR B 139 -18.25 5.67 8.26
C THR B 139 -19.56 4.99 8.60
N ARG B 140 -20.63 5.78 8.75
CA ARG B 140 -21.94 5.25 9.20
C ARG B 140 -22.94 5.13 8.05
N ARG B 141 -22.56 5.51 6.84
CA ARG B 141 -23.40 5.35 5.65
C ARG B 141 -22.51 5.30 4.43
N PHE B 142 -23.13 5.06 3.28
CA PHE B 142 -22.39 5.07 1.99
C PHE B 142 -22.23 6.51 1.56
N THR B 143 -21.11 6.82 0.93
CA THR B 143 -20.79 8.22 0.57
C THR B 143 -21.56 8.68 -0.66
N SER B 144 -21.96 9.95 -0.68
CA SER B 144 -22.69 10.56 -1.83
C SER B 144 -21.79 10.70 -3.05
N VAL B 145 -22.24 10.19 -4.19
CA VAL B 145 -21.48 10.29 -5.47
C VAL B 145 -22.52 10.55 -6.57
N HIS B 146 -23.76 10.82 -6.18
CA HIS B 146 -24.81 11.01 -7.19
C HIS B 146 -25.84 12.08 -6.88
N ASP B 147 -26.26 12.81 -7.89
CA ASP B 147 -27.39 13.72 -7.78
C ASP B 147 -28.54 13.18 -8.61
N ASN B 148 -29.76 13.56 -8.23
CA ASN B 148 -30.97 13.10 -8.90
C ASN B 148 -31.48 14.18 -9.83
N ILE B 149 -31.74 13.81 -11.09
CA ILE B 149 -32.32 14.71 -12.07
C ILE B 149 -33.67 14.15 -12.49
N GLY B 150 -34.71 14.96 -12.38
CA GLY B 150 -36.04 14.54 -12.82
C GLY B 150 -36.35 15.03 -14.22
N PHE B 151 -36.76 14.14 -15.10
CA PHE B 151 -37.16 14.50 -16.48
C PHE B 151 -38.66 14.40 -16.54
N PHE B 152 -39.30 15.57 -16.49
CA PHE B 152 -40.78 15.61 -16.53
C PHE B 152 -41.23 16.29 -17.81
N ALA B 153 -42.39 15.90 -18.30
CA ALA B 153 -42.97 16.52 -19.52
C ALA B 153 -44.40 16.97 -19.23
N VAL B 154 -44.87 17.97 -19.97
CA VAL B 154 -46.25 18.52 -19.74
C VAL B 154 -47.26 17.54 -20.32
N SER B 155 -46.96 17.01 -21.50
CA SER B 155 -47.91 16.10 -22.17
C SER B 155 -47.13 14.94 -22.80
N ARG B 156 -47.87 14.03 -23.43
CA ARG B 156 -47.22 12.86 -24.01
C ARG B 156 -46.57 13.16 -25.36
N ALA B 157 -46.83 14.33 -25.94
CA ALA B 157 -46.23 14.75 -27.20
C ALA B 157 -45.01 15.65 -26.99
N TYR B 158 -44.29 15.44 -25.89
CA TYR B 158 -43.13 16.28 -25.60
C TYR B 158 -42.06 16.12 -26.67
N TYR B 159 -41.38 17.22 -26.97
CA TYR B 159 -40.30 17.17 -27.94
C TYR B 159 -39.11 16.42 -27.36
N PHE B 160 -38.55 15.50 -28.14
CA PHE B 160 -37.36 14.76 -27.71
C PHE B 160 -36.65 14.26 -28.96
N ASP B 161 -35.38 14.64 -29.12
CA ASP B 161 -34.56 14.19 -30.24
C ASP B 161 -33.31 13.52 -29.67
N LEU B 162 -33.12 12.24 -29.97
CA LEU B 162 -31.98 11.50 -29.37
C LEU B 162 -30.75 11.56 -30.29
N ASP B 163 -30.93 11.76 -31.58
CA ASP B 163 -29.78 11.69 -32.53
C ASP B 163 -28.68 12.69 -32.13
N PRO B 164 -28.97 13.96 -31.81
CA PRO B 164 -27.92 14.85 -31.34
C PRO B 164 -27.19 14.42 -30.07
N VAL B 165 -27.80 13.54 -29.28
CA VAL B 165 -27.20 13.14 -27.97
C VAL B 165 -26.77 11.68 -27.99
N ARG B 166 -26.86 11.02 -29.15
CA ARG B 166 -26.34 9.65 -29.26
C ARG B 166 -24.83 9.68 -29.06
N ILE B 167 -24.29 8.66 -28.42
CA ILE B 167 -22.83 8.63 -28.13
C ILE B 167 -22.21 7.62 -29.10
N PRO B 168 -21.50 8.08 -30.14
CA PRO B 168 -20.88 7.17 -31.11
C PRO B 168 -19.76 6.36 -30.47
N TYR B 169 -19.64 5.11 -30.90
CA TYR B 169 -18.57 4.24 -30.43
C TYR B 169 -17.24 4.65 -31.04
N ASP B 170 -16.16 4.23 -30.39
CA ASP B 170 -14.84 4.30 -30.99
C ASP B 170 -14.55 2.97 -31.69
N ALA B 171 -13.41 2.93 -32.41
CA ALA B 171 -13.10 1.77 -33.23
C ALA B 171 -13.00 0.50 -32.40
N ASP B 172 -12.57 0.60 -31.14
CA ASP B 172 -12.37 -0.59 -30.33
C ASP B 172 -13.69 -1.11 -29.75
N THR B 173 -14.53 -0.22 -29.22
CA THR B 173 -15.77 -0.67 -28.59
C THR B 173 -16.77 -1.16 -29.63
N LYS B 174 -16.89 -0.46 -30.76
CA LYS B 174 -17.76 -0.95 -31.83
C LYS B 174 -17.36 -2.34 -32.28
N LYS B 175 -16.07 -2.65 -32.25
CA LYS B 175 -15.62 -4.01 -32.58
C LYS B 175 -16.10 -5.00 -31.52
N ALA B 176 -16.20 -4.55 -30.27
CA ALA B 176 -16.60 -5.45 -29.18
C ALA B 176 -18.11 -5.59 -29.11
N ARG B 177 -18.83 -4.64 -29.70
CA ARG B 177 -20.30 -4.65 -29.60
C ARG B 177 -20.92 -5.13 -30.91
N SER B 178 -20.14 -5.27 -31.97
CA SER B 178 -20.76 -5.57 -33.29
C SER B 178 -21.02 -7.05 -33.53
N ARG B 179 -22.27 -7.39 -33.81
CA ARG B 179 -22.63 -8.72 -34.25
C ARG B 179 -23.51 -8.57 -35.49
N LYS B 180 -23.60 -9.65 -36.27
CA LYS B 180 -24.39 -9.59 -37.50
C LYS B 180 -25.84 -9.21 -37.22
N LEU B 181 -26.36 -9.59 -36.04
CA LEU B 181 -27.70 -9.19 -35.65
C LEU B 181 -27.81 -7.68 -35.42
N PHE B 182 -26.72 -7.06 -34.96
CA PHE B 182 -26.73 -5.64 -34.62
C PHE B 182 -26.20 -4.75 -35.74
N GLU B 183 -25.63 -5.34 -36.78
CA GLU B 183 -25.02 -4.49 -37.83
C GLU B 183 -26.13 -3.74 -38.57
N GLY B 184 -25.95 -2.43 -38.77
CA GLY B 184 -26.94 -1.60 -39.48
C GLY B 184 -27.86 -0.90 -38.53
N SER B 185 -27.80 -1.25 -37.25
CA SER B 185 -28.70 -0.65 -36.24
C SER B 185 -28.21 0.76 -35.92
N LYS B 186 -29.11 1.64 -35.53
CA LYS B 186 -28.73 3.04 -35.27
C LYS B 186 -27.75 3.11 -34.06
N TRP B 187 -27.97 2.33 -33.02
CA TRP B 187 -27.13 2.40 -31.80
C TRP B 187 -25.71 1.98 -32.10
N LEU B 188 -25.53 1.03 -33.01
CA LEU B 188 -24.17 0.52 -33.28
C LEU B 188 -23.48 1.45 -34.28
N GLU B 189 -24.21 1.97 -35.26
CA GLU B 189 -23.56 2.77 -36.33
C GLU B 189 -23.53 4.25 -35.95
N MET B 190 -24.65 4.77 -35.47
CA MET B 190 -24.73 6.22 -35.15
C MET B 190 -24.27 6.46 -33.70
N GLY B 191 -24.69 5.60 -32.77
CA GLY B 191 -24.35 5.83 -31.38
C GLY B 191 -25.45 5.41 -30.44
N TYR B 192 -25.13 5.17 -29.18
CA TYR B 192 -26.12 4.62 -28.23
C TYR B 192 -26.80 5.66 -27.38
N ASN B 193 -27.93 5.26 -26.80
CA ASN B 193 -28.61 6.11 -25.84
C ASN B 193 -27.69 6.35 -24.63
N PRO B 194 -27.44 7.62 -24.22
CA PRO B 194 -26.67 7.90 -23.01
C PRO B 194 -27.17 7.23 -21.73
N LYS B 195 -28.42 6.76 -21.71
CA LYS B 195 -29.04 6.01 -20.57
C LYS B 195 -29.49 6.96 -19.43
N ASP B 196 -30.03 6.41 -18.35
CA ASP B 196 -30.53 7.21 -17.19
C ASP B 196 -29.45 7.34 -16.10
N VAL B 197 -28.24 6.89 -16.40
CA VAL B 197 -27.14 7.12 -15.47
C VAL B 197 -26.00 7.73 -16.27
N TRP B 198 -25.62 8.92 -15.85
CA TRP B 198 -24.58 9.68 -16.56
C TRP B 198 -23.32 9.77 -15.71
N SER B 199 -22.30 8.99 -16.08
CA SER B 199 -21.02 8.99 -15.35
C SER B 199 -20.11 10.10 -15.88
N VAL B 200 -20.38 11.33 -15.47
CA VAL B 200 -19.53 12.49 -15.85
C VAL B 200 -18.91 13.04 -14.55
N SER B 201 -17.59 13.17 -14.53
CA SER B 201 -16.90 13.61 -13.29
C SER B 201 -17.24 15.05 -12.92
N ARG B 202 -17.34 15.32 -11.63
CA ARG B 202 -17.53 16.70 -11.16
C ARG B 202 -16.33 17.55 -11.63
N LEU B 203 -16.50 18.85 -11.69
CA LEU B 203 -15.42 19.72 -12.19
C LEU B 203 -14.42 20.05 -11.09
N HIS B 204 -13.16 19.74 -11.31
CA HIS B 204 -12.11 20.13 -10.35
C HIS B 204 -11.96 21.65 -10.40
N ARG B 205 -11.55 22.27 -9.29
CA ARG B 205 -11.34 23.73 -9.24
C ARG B 205 -10.35 24.14 -10.34
N GLN B 206 -9.36 23.30 -10.62
CA GLN B 206 -8.31 23.65 -11.61
C GLN B 206 -8.76 23.26 -13.02
N HIS B 207 -9.87 22.54 -13.15
CA HIS B 207 -10.41 22.21 -14.50
C HIS B 207 -10.57 23.52 -15.26
N ALA B 208 -10.31 23.49 -16.57
CA ALA B 208 -10.38 24.71 -17.40
C ALA B 208 -11.80 25.24 -17.54
N GLU B 209 -12.81 24.40 -17.35
CA GLU B 209 -14.23 24.86 -17.42
C GLU B 209 -14.62 25.47 -16.08
N ARG B 210 -13.90 25.13 -15.01
CA ARG B 210 -14.31 25.60 -13.66
C ARG B 210 -14.23 27.12 -13.53
N VAL B 211 -15.26 27.71 -12.97
CA VAL B 211 -15.29 29.17 -12.72
C VAL B 211 -15.55 29.31 -11.21
N ASP B 212 -15.54 30.53 -10.68
CA ASP B 212 -15.71 30.74 -9.23
C ASP B 212 -17.19 30.62 -8.84
N HIS B 213 -17.74 29.42 -8.92
CA HIS B 213 -19.13 29.15 -8.45
C HIS B 213 -19.04 27.88 -7.62
N PRO B 214 -19.71 27.77 -6.46
CA PRO B 214 -19.53 26.61 -5.59
C PRO B 214 -20.04 25.29 -6.17
N THR B 215 -21.07 25.33 -7.00
CA THR B 215 -21.71 24.12 -7.50
C THR B 215 -21.93 24.24 -9.01
N GLN B 216 -20.82 24.39 -9.74
CA GLN B 216 -20.89 24.46 -11.19
C GLN B 216 -21.18 23.08 -11.77
N LYS B 217 -22.15 23.02 -12.69
CA LYS B 217 -22.39 21.70 -13.27
C LYS B 217 -21.63 21.56 -14.58
N PRO B 218 -21.14 20.34 -14.92
CA PRO B 218 -20.46 20.14 -16.19
C PRO B 218 -21.34 20.45 -17.39
N LEU B 219 -20.79 21.13 -18.39
CA LEU B 219 -21.55 21.50 -19.60
C LEU B 219 -21.94 20.25 -20.39
N GLU B 220 -21.21 19.15 -20.20
CA GLU B 220 -21.50 17.89 -20.91
C GLU B 220 -22.95 17.45 -20.65
N ILE B 221 -23.41 17.54 -19.42
CA ILE B 221 -24.76 17.02 -19.07
C ILE B 221 -25.84 18.08 -19.37
N ILE B 222 -25.51 19.35 -19.25
CA ILE B 222 -26.50 20.44 -19.52
C ILE B 222 -26.71 20.53 -21.05
N GLU B 223 -25.66 20.33 -21.81
CA GLU B 223 -25.77 20.37 -23.29
C GLU B 223 -26.60 19.17 -23.76
N ARG B 224 -26.49 18.05 -23.06
CA ARG B 224 -27.27 16.85 -23.44
C ARG B 224 -28.75 17.17 -23.23
N MET B 225 -29.10 17.79 -22.11
CA MET B 225 -30.51 18.15 -21.83
C MET B 225 -30.99 19.14 -22.91
N VAL B 226 -30.17 20.11 -23.27
CA VAL B 226 -30.58 21.16 -24.25
C VAL B 226 -30.70 20.55 -25.67
N LEU B 227 -29.76 19.69 -26.05
CA LEU B 227 -29.75 19.15 -27.43
C LEU B 227 -30.87 18.12 -27.63
N ALA B 228 -31.32 17.46 -26.56
CA ALA B 228 -32.29 16.38 -26.72
C ALA B 228 -33.72 16.85 -26.51
N SER B 229 -33.90 17.83 -25.65
CA SER B 229 -35.25 18.22 -25.27
C SER B 229 -35.62 19.63 -25.68
N CYS B 230 -34.78 20.32 -26.46
CA CYS B 230 -35.09 21.67 -26.95
C CYS B 230 -34.77 21.72 -28.44
N PRO B 231 -35.73 22.06 -29.29
CA PRO B 231 -35.44 22.13 -30.71
C PRO B 231 -34.50 23.29 -31.01
N PRO B 232 -33.71 23.20 -32.09
CA PRO B 232 -32.84 24.33 -32.44
C PRO B 232 -33.66 25.60 -32.68
N GLY B 233 -33.28 26.66 -31.97
CA GLY B 233 -34.04 27.89 -31.98
C GLY B 233 -35.03 28.03 -30.85
N GLY B 234 -35.33 26.94 -30.12
CA GLY B 234 -36.24 27.01 -29.01
C GLY B 234 -35.67 27.79 -27.84
N ARG B 235 -36.53 28.07 -26.87
CA ARG B 235 -36.17 28.88 -25.72
C ARG B 235 -36.02 28.00 -24.49
N VAL B 236 -34.93 28.21 -23.75
CA VAL B 236 -34.63 27.48 -22.52
C VAL B 236 -34.72 28.46 -21.36
N LEU B 237 -35.39 28.06 -20.29
CA LEU B 237 -35.47 28.86 -19.07
C LEU B 237 -34.64 28.19 -17.99
N ASP B 238 -33.74 28.96 -17.38
CA ASP B 238 -32.96 28.51 -16.23
C ASP B 238 -33.28 29.42 -15.06
N PRO B 239 -34.21 29.04 -14.18
CA PRO B 239 -34.61 29.94 -13.10
C PRO B 239 -33.51 30.23 -12.10
N PHE B 240 -32.48 29.37 -12.02
CA PHE B 240 -31.39 29.53 -11.07
C PHE B 240 -30.08 29.25 -11.80
N MET B 241 -29.76 30.10 -12.79
CA MET B 241 -28.72 29.78 -13.77
C MET B 241 -27.33 29.71 -13.16
N GLY B 242 -27.09 30.35 -12.02
CA GLY B 242 -25.78 30.26 -11.40
C GLY B 242 -24.71 30.90 -12.27
N SER B 243 -23.69 30.11 -12.60
CA SER B 243 -22.59 30.56 -13.44
C SER B 243 -22.94 30.57 -14.91
N GLY B 244 -24.19 30.31 -15.26
CA GLY B 244 -24.63 30.39 -16.65
C GLY B 244 -24.25 29.20 -17.51
N THR B 245 -24.10 28.01 -16.92
CA THR B 245 -23.72 26.84 -17.70
C THR B 245 -24.74 26.56 -18.80
N THR B 246 -26.04 26.73 -18.49
CA THR B 246 -27.05 26.54 -19.51
C THR B 246 -27.00 27.63 -20.58
N ALA B 247 -26.67 28.87 -20.18
CA ALA B 247 -26.51 29.94 -21.16
C ALA B 247 -25.42 29.61 -22.15
N VAL B 248 -24.35 28.98 -21.68
CA VAL B 248 -23.22 28.60 -22.57
C VAL B 248 -23.70 27.51 -23.54
N ALA B 249 -24.47 26.54 -23.03
CA ALA B 249 -24.93 25.41 -23.86
C ALA B 249 -25.91 25.89 -24.93
N CYS B 250 -26.87 26.72 -24.54
CA CYS B 250 -27.87 27.25 -25.50
C CYS B 250 -27.14 28.04 -26.59
N ALA B 251 -26.16 28.83 -26.22
CA ALA B 251 -25.37 29.63 -27.18
C ALA B 251 -24.61 28.74 -28.15
N ARG B 252 -23.99 27.68 -27.65
CA ARG B 252 -23.15 26.81 -28.51
C ARG B 252 -24.00 25.88 -29.38
N GLN B 253 -25.29 25.78 -29.13
CA GLN B 253 -26.14 24.81 -29.87
C GLN B 253 -27.31 25.54 -30.55
N GLY B 254 -27.36 26.85 -30.47
CA GLY B 254 -28.38 27.61 -31.22
C GLY B 254 -29.73 27.60 -30.56
N ARG B 255 -29.75 27.65 -29.24
CA ARG B 255 -31.01 27.73 -28.52
C ARG B 255 -31.13 29.07 -27.82
N ASP B 256 -32.36 29.56 -27.70
CA ASP B 256 -32.60 30.80 -26.97
C ASP B 256 -32.65 30.52 -25.48
N PHE B 257 -32.19 31.49 -24.69
CA PHE B 257 -31.98 31.30 -23.26
C PHE B 257 -32.59 32.43 -22.45
N VAL B 258 -33.16 32.06 -21.31
CA VAL B 258 -33.62 33.02 -20.29
C VAL B 258 -33.14 32.49 -18.94
N GLY B 259 -32.42 33.31 -18.20
CA GLY B 259 -31.84 32.87 -16.94
C GLY B 259 -32.02 33.91 -15.85
N TYR B 260 -32.03 33.42 -14.62
CA TYR B 260 -32.17 34.26 -13.43
C TYR B 260 -31.12 33.87 -12.41
N GLU B 261 -30.58 34.87 -11.73
CA GLU B 261 -29.54 34.65 -10.72
C GLU B 261 -29.51 35.85 -9.80
N ILE B 262 -29.70 35.62 -8.50
CA ILE B 262 -29.70 36.73 -7.55
C ILE B 262 -28.29 37.24 -7.28
N ASN B 263 -27.26 36.44 -7.56
CA ASN B 263 -25.89 36.84 -7.29
C ASN B 263 -25.29 37.54 -8.50
N GLU B 264 -24.91 38.80 -8.31
CA GLU B 264 -24.34 39.57 -9.41
C GLU B 264 -22.97 39.05 -9.81
N SER B 265 -22.17 38.61 -8.83
CA SER B 265 -20.87 38.02 -9.13
C SER B 265 -21.02 36.82 -10.05
N TYR B 266 -21.94 35.91 -9.72
CA TYR B 266 -22.24 34.79 -10.61
C TYR B 266 -22.79 35.30 -11.94
N CYS B 267 -23.64 36.33 -11.89
CA CYS B 267 -24.19 36.91 -13.11
C CYS B 267 -23.08 37.44 -14.01
N ALA B 268 -22.05 38.05 -13.42
CA ALA B 268 -20.91 38.51 -14.21
C ALA B 268 -20.21 37.34 -14.88
N ILE B 269 -19.90 36.29 -14.11
CA ILE B 269 -19.25 35.11 -14.68
C ILE B 269 -20.08 34.52 -15.81
N ALA B 270 -21.42 34.55 -15.66
CA ALA B 270 -22.28 34.08 -16.73
C ALA B 270 -22.08 34.88 -18.00
N HIS B 271 -21.84 36.19 -17.86
CA HIS B 271 -21.60 37.03 -19.04
C HIS B 271 -20.29 36.67 -19.72
N GLU B 272 -19.22 36.55 -18.95
CA GLU B 272 -17.91 36.25 -19.52
C GLU B 272 -17.91 34.90 -20.23
N ARG B 273 -18.60 33.92 -19.66
CA ARG B 273 -18.61 32.58 -20.25
C ARG B 273 -19.29 32.58 -21.62
N VAL B 274 -20.35 33.37 -21.78
CA VAL B 274 -21.03 33.43 -23.06
C VAL B 274 -20.25 34.29 -24.05
N ASN B 275 -19.70 35.41 -23.60
CA ASN B 275 -19.00 36.31 -24.50
C ASN B 275 -17.64 35.77 -24.93
N ALA B 276 -17.14 34.71 -24.30
CA ALA B 276 -15.89 34.08 -24.69
C ALA B 276 -16.07 33.05 -25.80
N LEU B 277 -17.25 32.99 -26.42
CA LEU B 277 -17.52 32.03 -27.48
C LEU B 277 -17.38 32.69 -28.86
N LEU C 29 16.83 -16.18 -25.54
CA LEU C 29 17.00 -16.30 -24.09
C LEU C 29 16.61 -17.69 -23.60
N PRO C 30 17.56 -18.40 -22.99
CA PRO C 30 17.29 -19.75 -22.46
C PRO C 30 16.06 -19.76 -21.58
N SER C 31 15.43 -20.94 -21.49
CA SER C 31 14.20 -21.08 -20.73
C SER C 31 14.46 -20.92 -19.24
N GLY C 32 13.42 -20.49 -18.53
CA GLY C 32 13.47 -20.35 -17.09
C GLY C 32 13.96 -18.99 -16.60
N ILE C 33 14.82 -18.37 -17.38
CA ILE C 33 15.39 -17.06 -16.96
C ILE C 33 14.51 -15.96 -17.58
N GLU C 34 13.94 -15.11 -16.73
CA GLU C 34 13.11 -13.99 -17.22
C GLU C 34 13.77 -12.66 -16.84
N LEU C 35 14.11 -11.85 -17.85
CA LEU C 35 14.74 -10.54 -17.59
C LEU C 35 13.77 -9.44 -18.04
N HIS C 36 13.53 -8.43 -17.20
CA HIS C 36 12.50 -7.42 -17.53
C HIS C 36 13.02 -6.00 -17.33
N ASN C 37 12.97 -5.18 -18.37
CA ASN C 37 13.34 -3.76 -18.22
C ASN C 37 12.13 -3.06 -17.58
N ARG C 38 11.99 -3.18 -16.26
CA ARG C 38 10.80 -2.62 -15.59
C ARG C 38 11.12 -2.27 -14.13
N ASP C 39 10.54 -1.19 -13.63
CA ASP C 39 10.73 -0.82 -12.21
C ASP C 39 10.13 -1.94 -11.36
N PHE C 40 10.96 -2.60 -10.59
CA PHE C 40 10.46 -3.69 -9.70
C PHE C 40 9.31 -3.14 -8.90
N LEU C 41 9.44 -1.90 -8.46
CA LEU C 41 8.42 -1.30 -7.58
C LEU C 41 7.07 -1.20 -8.30
N THR C 42 7.06 -1.19 -9.64
CA THR C 42 5.80 -1.03 -10.40
C THR C 42 5.27 -2.37 -10.84
N ASP C 43 6.12 -3.39 -10.93
CA ASP C 43 5.68 -4.70 -11.48
C ASP C 43 5.66 -5.78 -10.39
N ALA C 44 5.84 -5.39 -9.13
CA ALA C 44 5.93 -6.39 -8.05
C ALA C 44 4.65 -7.22 -7.97
N ALA C 45 3.50 -6.53 -8.02
CA ALA C 45 2.21 -7.25 -8.00
C ALA C 45 2.22 -8.32 -9.10
N HIS C 46 2.59 -7.91 -10.32
CA HIS C 46 2.61 -8.88 -11.45
C HIS C 46 3.67 -9.95 -11.21
N LEU C 47 3.54 -10.71 -10.13
CA LEU C 47 4.47 -11.82 -9.81
C LEU C 47 3.83 -12.56 -8.64
N PRO C 48 3.54 -13.87 -8.76
CA PRO C 48 2.83 -14.57 -7.71
C PRO C 48 3.48 -14.42 -6.34
N ASP C 49 2.69 -14.62 -5.30
CA ASP C 49 3.25 -14.54 -3.92
C ASP C 49 3.63 -15.96 -3.47
N ALA C 50 4.51 -16.09 -2.47
CA ALA C 50 5.03 -17.41 -2.05
C ALA C 50 5.43 -18.18 -3.30
N SER C 51 6.16 -17.52 -4.19
CA SER C 51 6.50 -18.15 -5.49
C SER C 51 8.01 -18.06 -5.73
N ILE C 52 8.76 -17.56 -4.76
CA ILE C 52 10.23 -17.38 -4.95
C ILE C 52 10.96 -18.07 -3.79
N ASP C 53 11.92 -18.94 -4.10
CA ASP C 53 12.68 -19.67 -3.10
C ASP C 53 13.83 -18.87 -2.50
N LEU C 54 14.28 -17.82 -3.18
CA LEU C 54 15.42 -17.04 -2.71
C LEU C 54 15.46 -15.72 -3.46
N ILE C 55 15.79 -14.64 -2.75
CA ILE C 55 15.93 -13.32 -3.32
C ILE C 55 17.38 -12.88 -3.17
N VAL C 56 18.04 -12.67 -4.31
CA VAL C 56 19.43 -12.14 -4.28
C VAL C 56 19.30 -10.63 -4.46
N ALA C 57 19.58 -9.86 -3.42
CA ALA C 57 19.33 -8.40 -3.53
C ALA C 57 20.61 -7.58 -3.53
N ASP C 58 20.90 -6.93 -4.66
CA ASP C 58 22.03 -5.97 -4.70
C ASP C 58 21.41 -4.60 -4.94
N PRO C 59 20.82 -3.95 -3.92
CA PRO C 59 20.13 -2.69 -4.13
C PRO C 59 21.05 -1.51 -4.08
N PRO C 60 20.64 -0.34 -4.60
CA PRO C 60 21.46 0.85 -4.44
C PRO C 60 21.82 0.95 -2.97
N TYR C 61 23.08 1.28 -2.68
CA TYR C 61 23.56 1.32 -1.28
C TYR C 61 23.33 2.68 -0.66
N GLY C 62 23.06 3.69 -1.48
CA GLY C 62 22.94 5.06 -0.97
C GLY C 62 24.31 5.73 -0.96
N LEU C 63 25.21 5.29 -1.84
CA LEU C 63 26.60 5.81 -1.78
C LEU C 63 26.79 6.93 -2.82
N GLY C 64 25.94 7.00 -3.85
CA GLY C 64 26.02 8.15 -4.78
C GLY C 64 26.61 7.80 -6.12
N LYS C 65 26.12 6.73 -6.74
CA LYS C 65 26.68 6.28 -8.04
C LYS C 65 25.74 6.71 -9.17
N ASP C 66 26.13 6.47 -10.42
CA ASP C 66 25.24 6.79 -11.56
C ASP C 66 24.30 5.59 -11.80
N TYR C 67 24.86 4.39 -11.95
CA TYR C 67 24.04 3.15 -12.14
C TYR C 67 22.95 3.41 -13.17
N GLY C 68 23.18 4.31 -14.12
CA GLY C 68 22.21 4.53 -15.21
C GLY C 68 21.15 5.56 -14.86
N ASN C 69 20.64 5.53 -13.63
CA ASN C 69 19.51 6.40 -13.26
C ASN C 69 19.93 7.35 -12.14
N ASP C 70 19.05 7.50 -11.14
CA ASP C 70 19.38 8.33 -9.95
C ASP C 70 18.95 7.55 -8.72
N SER C 71 19.12 6.24 -8.73
CA SER C 71 18.66 5.39 -7.61
C SER C 71 19.60 5.52 -6.42
N ASP C 72 20.91 5.54 -6.67
CA ASP C 72 21.88 5.59 -5.53
C ASP C 72 22.04 7.04 -5.10
N LYS C 73 21.27 7.94 -5.72
CA LYS C 73 21.37 9.39 -5.39
C LYS C 73 20.40 9.75 -4.25
N ARG C 74 20.19 8.83 -3.31
CA ARG C 74 19.32 9.10 -2.14
C ARG C 74 20.18 9.02 -0.88
N SER C 75 19.67 9.51 0.26
CA SER C 75 20.46 9.53 1.52
C SER C 75 19.56 9.70 2.73
N GLY C 76 20.10 9.46 3.95
CA GLY C 76 19.35 9.61 5.15
C GLY C 76 17.97 8.94 5.09
N ASP C 77 17.11 9.36 6.01
CA ASP C 77 15.80 8.75 6.20
C ASP C 77 15.03 8.58 4.89
N ASP C 78 15.38 9.34 3.84
CA ASP C 78 14.77 9.12 2.54
C ASP C 78 15.15 7.75 1.98
N PHE C 79 16.46 7.44 1.97
CA PHE C 79 16.89 6.17 1.39
C PHE C 79 16.37 4.98 2.18
N LEU C 80 16.45 5.08 3.50
CA LEU C 80 16.03 3.94 4.36
C LEU C 80 14.55 3.63 4.09
N ALA C 81 13.78 4.64 3.70
CA ALA C 81 12.35 4.46 3.43
C ALA C 81 12.17 3.70 2.13
N TRP C 82 12.75 4.21 1.04
CA TRP C 82 12.65 3.56 -0.28
C TRP C 82 13.07 2.10 -0.12
N THR C 83 14.05 1.85 0.73
CA THR C 83 14.53 0.47 0.93
C THR C 83 13.46 -0.30 1.66
N ARG C 84 13.07 0.16 2.85
CA ARG C 84 12.01 -0.53 3.63
C ARG C 84 10.84 -0.86 2.70
N GLU C 85 10.52 0.07 1.80
CA GLU C 85 9.38 -0.13 0.89
C GLU C 85 9.60 -1.36 0.01
N TRP C 86 10.63 -1.35 -0.83
CA TRP C 86 10.79 -2.47 -1.79
C TRP C 86 10.89 -3.81 -1.08
N LEU C 87 11.41 -3.80 0.14
CA LEU C 87 11.49 -5.07 0.91
C LEU C 87 10.05 -5.57 1.17
N GLU C 88 9.15 -4.65 1.51
CA GLU C 88 7.75 -5.04 1.85
C GLU C 88 6.97 -5.44 0.60
N LEU C 89 7.43 -5.03 -0.59
CA LEU C 89 6.73 -5.52 -1.80
C LEU C 89 7.51 -6.72 -2.37
N ALA C 90 8.53 -7.18 -1.65
CA ALA C 90 9.36 -8.30 -2.14
C ALA C 90 9.15 -9.53 -1.25
N ILE C 91 9.21 -9.34 0.06
CA ILE C 91 9.04 -10.48 1.00
C ILE C 91 7.77 -11.27 0.61
N PRO C 92 6.58 -10.67 0.41
CA PRO C 92 5.42 -11.42 -0.03
C PRO C 92 5.73 -12.52 -1.04
N LYS C 93 6.55 -12.22 -2.04
CA LYS C 93 6.84 -13.19 -3.13
C LYS C 93 7.62 -14.39 -2.59
N LEU C 94 8.14 -14.27 -1.37
CA LEU C 94 8.99 -15.36 -0.82
C LEU C 94 8.12 -16.47 -0.25
N LYS C 95 8.58 -17.70 -0.34
CA LYS C 95 7.87 -18.86 0.15
C LYS C 95 8.17 -19.09 1.63
N PRO C 96 7.41 -19.92 2.37
CA PRO C 96 7.76 -20.17 3.76
C PRO C 96 9.15 -20.77 3.90
N SER C 97 9.65 -21.36 2.83
CA SER C 97 11.01 -21.99 2.85
C SER C 97 12.01 -21.02 2.22
N GLY C 98 11.60 -19.77 2.00
CA GLY C 98 12.46 -18.82 1.28
C GLY C 98 13.57 -18.21 2.08
N SER C 99 14.60 -17.75 1.38
CA SER C 99 15.74 -17.07 2.03
C SER C 99 15.95 -15.76 1.27
N MET C 100 16.78 -14.85 1.78
CA MET C 100 17.08 -13.61 1.02
C MET C 100 18.47 -13.10 1.37
N TYR C 101 19.19 -12.62 0.36
CA TYR C 101 20.53 -12.04 0.60
C TYR C 101 20.49 -10.58 0.19
N ILE C 102 20.75 -9.67 1.13
CA ILE C 102 20.68 -8.21 0.82
C ILE C 102 22.07 -7.58 0.96
N PHE C 103 22.49 -6.84 -0.07
CA PHE C 103 23.80 -6.15 -0.03
C PHE C 103 23.56 -4.73 0.45
N CYS C 104 24.42 -4.24 1.35
CA CYS C 104 24.26 -2.88 1.90
C CYS C 104 25.60 -2.39 2.47
N THR C 105 25.72 -1.09 2.72
CA THR C 105 26.94 -0.53 3.33
C THR C 105 26.82 -0.57 4.84
N TRP C 106 27.95 -0.49 5.53
CA TRP C 106 27.96 -0.44 7.00
C TRP C 106 27.19 0.78 7.46
N GLN C 107 27.07 1.77 6.58
CA GLN C 107 26.41 3.04 6.94
C GLN C 107 24.92 2.79 7.19
N TYR C 108 24.25 2.05 6.30
CA TYR C 108 22.78 1.85 6.45
C TYR C 108 22.44 0.45 6.95
N ALA C 109 23.44 -0.42 7.09
CA ALA C 109 23.21 -1.82 7.52
C ALA C 109 22.54 -1.87 8.89
N PRO C 110 23.05 -1.20 9.95
CA PRO C 110 22.45 -1.36 11.27
C PRO C 110 20.94 -1.15 11.25
N GLU C 111 20.46 -0.20 10.46
CA GLU C 111 19.03 0.06 10.43
C GLU C 111 18.29 -0.93 9.54
N ILE C 112 18.90 -1.31 8.42
CA ILE C 112 18.22 -2.21 7.44
C ILE C 112 18.05 -3.60 8.07
N PHE C 113 19.00 -4.02 8.91
CA PHE C 113 18.95 -5.39 9.48
C PHE C 113 18.02 -5.41 10.68
N SER C 114 18.02 -4.32 11.45
CA SER C 114 17.13 -4.22 12.64
C SER C 114 15.67 -4.22 12.16
N PHE C 115 15.40 -3.58 11.03
CA PHE C 115 14.03 -3.60 10.46
C PHE C 115 13.72 -5.00 10.00
N LEU C 116 14.62 -5.58 9.21
CA LEU C 116 14.30 -6.91 8.63
C LEU C 116 14.21 -7.98 9.74
N LYS C 117 14.77 -7.71 10.91
CA LYS C 117 14.63 -8.67 12.04
C LYS C 117 13.21 -8.60 12.60
N THR C 118 12.56 -7.44 12.49
CA THR C 118 11.16 -7.30 12.94
C THR C 118 10.27 -8.13 12.04
N GLN C 119 10.79 -8.55 10.89
CA GLN C 119 9.97 -9.32 9.91
C GLN C 119 10.53 -10.74 9.73
N LEU C 120 11.77 -10.88 9.26
CA LEU C 120 12.32 -12.22 8.95
C LEU C 120 13.37 -12.62 9.99
N THR C 121 13.87 -13.86 9.90
CA THR C 121 14.90 -14.34 10.84
C THR C 121 16.26 -14.16 10.21
N MET C 122 17.18 -13.48 10.91
CA MET C 122 18.56 -13.38 10.36
C MET C 122 19.29 -14.69 10.69
N VAL C 123 19.76 -15.38 9.65
CA VAL C 123 20.48 -16.66 9.83
C VAL C 123 21.98 -16.35 9.93
N ASN C 124 22.43 -15.35 9.17
CA ASN C 124 23.87 -14.99 9.17
C ASN C 124 24.10 -13.55 8.70
N GLU C 125 25.23 -12.96 9.10
CA GLU C 125 25.65 -11.65 8.54
C GLU C 125 26.94 -11.95 7.77
N ILE C 126 26.87 -11.90 6.44
CA ILE C 126 28.06 -12.26 5.61
C ILE C 126 28.84 -10.99 5.29
N ILE C 127 30.15 -11.03 5.45
CA ILE C 127 31.01 -9.86 5.17
C ILE C 127 31.82 -10.14 3.90
N TRP C 128 31.54 -9.42 2.82
CA TRP C 128 32.34 -9.58 1.58
C TRP C 128 33.63 -8.77 1.68
N ASP C 129 34.76 -9.44 1.95
CA ASP C 129 36.08 -8.76 1.94
C ASP C 129 36.49 -8.60 0.48
N ARG C 130 36.39 -7.39 -0.04
CA ARG C 130 36.67 -7.18 -1.48
C ARG C 130 38.17 -7.02 -1.70
N ARG C 131 38.98 -7.29 -0.68
CA ARG C 131 40.47 -7.24 -0.77
C ARG C 131 40.97 -5.85 -1.18
N VAL C 132 40.54 -5.34 -2.32
CA VAL C 132 40.98 -4.02 -2.83
C VAL C 132 40.18 -2.92 -2.12
N PRO C 133 40.84 -1.93 -1.46
CA PRO C 133 40.11 -0.91 -0.74
C PRO C 133 39.50 0.14 -1.60
N SER C 134 38.48 0.80 -1.07
CA SER C 134 37.89 1.93 -1.81
C SER C 134 38.91 3.07 -1.76
N MET C 135 38.84 4.00 -2.69
CA MET C 135 39.85 5.07 -2.74
C MET C 135 39.24 6.39 -2.30
N GLY C 136 40.06 7.43 -2.14
CA GLY C 136 39.58 8.72 -1.69
C GLY C 136 40.73 9.65 -1.34
N GLY C 137 41.46 9.32 -0.29
CA GLY C 137 42.62 10.11 0.11
C GLY C 137 42.68 10.44 1.59
N THR C 138 41.73 9.89 2.36
CA THR C 138 41.65 10.26 3.77
C THR C 138 42.68 9.51 4.61
N THR C 139 42.93 10.05 5.81
CA THR C 139 43.84 9.43 6.78
C THR C 139 43.18 9.60 8.11
N ARG C 140 41.85 9.78 8.13
CA ARG C 140 41.12 10.08 9.39
C ARG C 140 40.20 8.91 9.79
N ARG C 141 40.18 7.83 9.02
CA ARG C 141 39.35 6.65 9.32
C ARG C 141 39.95 5.42 8.65
N PHE C 142 39.56 4.22 9.10
CA PHE C 142 40.02 2.96 8.47
C PHE C 142 39.35 2.84 7.12
N THR C 143 40.07 2.34 6.12
CA THR C 143 39.53 2.34 4.75
C THR C 143 38.53 1.22 4.56
N SER C 144 37.65 1.34 3.56
CA SER C 144 36.57 0.35 3.34
C SER C 144 36.99 -0.77 2.38
N VAL C 145 36.84 -2.02 2.80
CA VAL C 145 37.20 -3.19 1.97
C VAL C 145 36.07 -4.21 2.13
N HIS C 146 34.98 -3.82 2.78
CA HIS C 146 33.92 -4.81 3.08
C HIS C 146 32.53 -4.32 2.74
N ASP C 147 31.72 -5.20 2.18
CA ASP C 147 30.29 -4.89 1.94
C ASP C 147 29.53 -5.83 2.87
N ASN C 148 28.42 -5.38 3.45
CA ASN C 148 27.65 -6.21 4.40
C ASN C 148 26.55 -6.95 3.62
N ILE C 149 26.41 -8.25 3.87
CA ILE C 149 25.35 -9.05 3.20
C ILE C 149 24.50 -9.70 4.30
N GLY C 150 23.20 -9.42 4.29
CA GLY C 150 22.31 -10.00 5.31
C GLY C 150 21.71 -11.31 4.84
N PHE C 151 21.86 -12.36 5.64
CA PHE C 151 21.20 -13.66 5.31
C PHE C 151 19.94 -13.78 6.17
N PHE C 152 18.78 -13.58 5.54
CA PHE C 152 17.49 -13.63 6.28
C PHE C 152 16.62 -14.75 5.73
N ALA C 153 15.80 -15.34 6.59
CA ALA C 153 14.88 -16.42 6.16
C ALA C 153 13.48 -16.21 6.76
N VAL C 154 12.47 -16.82 6.14
CA VAL C 154 11.05 -16.71 6.60
C VAL C 154 10.84 -17.56 7.85
N SER C 155 11.42 -18.77 7.89
CA SER C 155 11.16 -19.66 9.05
C SER C 155 12.44 -20.39 9.47
N ARG C 156 12.33 -21.28 10.46
CA ARG C 156 13.50 -22.05 10.96
C ARG C 156 13.71 -23.27 10.06
N ALA C 157 12.83 -23.49 9.09
CA ALA C 157 13.01 -24.61 8.14
C ALA C 157 13.24 -24.02 6.74
N TYR C 158 14.21 -23.12 6.64
CA TYR C 158 14.56 -22.53 5.33
C TYR C 158 15.36 -23.56 4.55
N TYR C 159 15.28 -23.47 3.22
CA TYR C 159 16.09 -24.39 2.39
C TYR C 159 17.55 -24.02 2.57
N PHE C 160 18.39 -24.97 3.00
CA PHE C 160 19.85 -24.70 3.07
C PHE C 160 20.58 -25.96 2.66
N ASP C 161 21.39 -25.86 1.60
CA ASP C 161 22.24 -27.01 1.17
C ASP C 161 23.70 -26.57 1.24
N LEU C 162 24.40 -26.96 2.30
CA LEU C 162 25.79 -26.56 2.45
C LEU C 162 26.72 -27.31 1.51
N ASP C 163 26.33 -28.52 1.08
CA ASP C 163 27.24 -29.36 0.30
C ASP C 163 27.68 -28.74 -1.01
N PRO C 164 26.80 -28.19 -1.87
CA PRO C 164 27.28 -27.67 -3.16
C PRO C 164 28.16 -26.44 -3.03
N VAL C 165 28.18 -25.76 -1.89
CA VAL C 165 29.00 -24.57 -1.72
C VAL C 165 30.22 -24.83 -0.85
N ARG C 166 30.44 -26.09 -0.44
CA ARG C 166 31.66 -26.41 0.30
C ARG C 166 32.89 -26.13 -0.57
N ILE C 167 33.96 -25.67 0.07
CA ILE C 167 35.19 -25.31 -0.63
C ILE C 167 36.19 -26.44 -0.41
N PRO C 168 36.54 -27.22 -1.44
CA PRO C 168 37.47 -28.33 -1.23
C PRO C 168 38.90 -27.82 -1.04
N TYR C 169 39.59 -28.48 -0.12
CA TYR C 169 40.98 -28.07 0.16
C TYR C 169 41.88 -28.57 -0.91
N ASP C 170 43.00 -27.88 -1.13
CA ASP C 170 44.01 -28.40 -2.07
C ASP C 170 44.79 -29.47 -1.32
N ALA C 171 45.59 -30.24 -2.04
CA ALA C 171 46.35 -31.34 -1.43
C ALA C 171 47.24 -30.82 -0.31
N ASP C 172 47.95 -29.72 -0.57
CA ASP C 172 48.88 -29.16 0.43
C ASP C 172 48.09 -28.74 1.67
N THR C 173 46.95 -28.07 1.46
CA THR C 173 46.15 -27.59 2.60
C THR C 173 45.45 -28.75 3.27
N LYS C 174 44.93 -29.71 2.49
CA LYS C 174 44.31 -30.91 3.09
C LYS C 174 45.32 -31.63 4.00
N LYS C 175 46.53 -31.83 3.50
CA LYS C 175 47.58 -32.47 4.32
C LYS C 175 47.83 -31.63 5.57
N ALA C 176 47.82 -30.30 5.44
CA ALA C 176 48.09 -29.40 6.59
C ALA C 176 46.95 -29.45 7.60
N ARG C 177 45.74 -29.81 7.17
CA ARG C 177 44.56 -29.83 8.07
C ARG C 177 44.17 -31.26 8.45
N SER C 178 44.86 -32.28 7.96
CA SER C 178 44.48 -33.66 8.24
C SER C 178 45.08 -34.10 9.56
N ARG C 179 44.22 -34.57 10.47
CA ARG C 179 44.64 -35.14 11.74
C ARG C 179 43.87 -36.44 11.96
N LYS C 180 44.37 -37.25 12.90
CA LYS C 180 43.70 -38.51 13.23
C LYS C 180 42.28 -38.25 13.72
N LEU C 181 42.10 -37.19 14.51
CA LEU C 181 40.76 -36.83 14.97
C LEU C 181 39.87 -36.45 13.79
N PHE C 182 40.41 -35.71 12.82
CA PHE C 182 39.62 -35.21 11.71
C PHE C 182 39.45 -36.21 10.58
N GLU C 183 40.17 -37.34 10.62
CA GLU C 183 40.11 -38.34 9.56
C GLU C 183 38.68 -38.81 9.32
N GLY C 184 38.10 -38.41 8.20
CA GLY C 184 36.75 -38.81 7.83
C GLY C 184 35.70 -37.74 8.02
N SER C 185 36.04 -36.60 8.61
CA SER C 185 35.07 -35.53 8.80
C SER C 185 34.59 -35.00 7.46
N LYS C 186 33.30 -34.63 7.41
CA LYS C 186 32.71 -34.17 6.16
C LYS C 186 33.36 -32.88 5.68
N TRP C 187 33.78 -32.01 6.60
CA TRP C 187 34.41 -30.76 6.20
C TRP C 187 35.80 -31.00 5.60
N LEU C 188 36.50 -32.03 6.06
CA LEU C 188 37.87 -32.25 5.61
C LEU C 188 37.92 -32.87 4.23
N GLU C 189 37.02 -33.81 3.94
CA GLU C 189 37.07 -34.53 2.67
C GLU C 189 36.20 -33.89 1.59
N MET C 190 35.04 -33.36 1.96
CA MET C 190 34.15 -32.77 0.97
C MET C 190 34.44 -31.29 0.74
N GLY C 191 34.70 -30.55 1.79
CA GLY C 191 34.97 -29.13 1.71
C GLY C 191 34.47 -28.44 2.96
N TYR C 192 35.15 -27.35 3.32
CA TYR C 192 34.81 -26.63 4.54
C TYR C 192 33.71 -25.61 4.26
N ASN C 193 33.14 -25.10 5.35
CA ASN C 193 32.09 -24.09 5.24
C ASN C 193 32.68 -22.79 4.71
N PRO C 194 32.00 -22.11 3.77
CA PRO C 194 32.50 -20.83 3.27
C PRO C 194 32.65 -19.75 4.33
N LYS C 195 32.16 -19.99 5.55
CA LYS C 195 32.36 -19.12 6.71
C LYS C 195 31.64 -17.79 6.58
N ASP C 196 31.64 -16.98 7.64
CA ASP C 196 30.88 -15.70 7.66
C ASP C 196 31.56 -14.65 6.79
N VAL C 197 32.87 -14.73 6.66
CA VAL C 197 33.61 -13.70 5.86
C VAL C 197 34.00 -14.32 4.52
N TRP C 198 33.66 -13.64 3.42
CA TRP C 198 34.01 -14.12 2.07
C TRP C 198 35.04 -13.17 1.47
N SER C 199 36.30 -13.62 1.40
CA SER C 199 37.40 -12.79 0.85
C SER C 199 37.57 -13.03 -0.64
N VAL C 200 36.76 -12.37 -1.46
CA VAL C 200 36.90 -12.45 -2.94
C VAL C 200 37.21 -11.05 -3.45
N SER C 201 38.22 -10.92 -4.32
CA SER C 201 38.60 -9.58 -4.83
C SER C 201 37.48 -9.01 -5.69
N ARG C 202 37.37 -7.68 -5.68
CA ARG C 202 36.40 -7.03 -6.57
C ARG C 202 36.89 -7.24 -8.00
N LEU C 203 35.98 -7.29 -8.94
CA LEU C 203 36.34 -7.46 -10.34
C LEU C 203 37.05 -6.20 -10.84
N HIS C 204 38.31 -6.35 -11.25
CA HIS C 204 39.04 -5.26 -11.86
C HIS C 204 38.36 -4.87 -13.18
N ARG C 205 38.61 -3.63 -13.60
CA ARG C 205 38.00 -3.14 -14.84
C ARG C 205 38.39 -4.01 -16.03
N GLN C 206 39.64 -4.43 -16.09
CA GLN C 206 40.13 -5.28 -17.17
C GLN C 206 39.90 -6.76 -16.91
N HIS C 207 39.22 -7.12 -15.82
CA HIS C 207 38.94 -8.53 -15.53
C HIS C 207 38.13 -9.15 -16.67
N ALA C 208 38.33 -10.45 -16.87
CA ALA C 208 37.59 -11.17 -17.90
C ALA C 208 36.09 -11.10 -17.64
N GLU C 209 35.68 -11.24 -16.38
CA GLU C 209 34.27 -11.22 -16.00
C GLU C 209 33.66 -9.82 -16.05
N ARG C 210 34.46 -8.78 -16.17
CA ARG C 210 33.96 -7.42 -16.04
C ARG C 210 33.19 -6.98 -17.29
N VAL C 211 32.10 -6.25 -17.05
CA VAL C 211 31.28 -5.66 -18.10
C VAL C 211 31.10 -4.18 -17.78
N ASP C 212 30.34 -3.48 -18.63
CA ASP C 212 30.16 -2.02 -18.45
C ASP C 212 29.08 -1.73 -17.41
N HIS C 213 29.32 -2.13 -16.15
CA HIS C 213 28.40 -1.79 -15.05
C HIS C 213 29.25 -1.21 -13.92
N PRO C 214 28.82 -0.15 -13.24
CA PRO C 214 29.65 0.47 -12.21
C PRO C 214 29.91 -0.39 -11.00
N THR C 215 28.95 -1.21 -10.59
CA THR C 215 29.08 -2.00 -9.36
C THR C 215 28.82 -3.46 -9.63
N GLN C 216 29.48 -4.03 -10.63
CA GLN C 216 29.31 -5.47 -10.96
C GLN C 216 29.82 -6.32 -9.81
N LYS C 217 29.05 -7.33 -9.42
CA LYS C 217 29.44 -8.20 -8.29
C LYS C 217 30.08 -9.49 -8.83
N PRO C 218 31.03 -10.10 -8.09
CA PRO C 218 31.65 -11.36 -8.51
C PRO C 218 30.69 -12.53 -8.57
N LEU C 219 30.77 -13.34 -9.63
CA LEU C 219 29.93 -14.53 -9.72
C LEU C 219 30.23 -15.51 -8.58
N GLU C 220 31.45 -15.50 -8.05
CA GLU C 220 31.84 -16.49 -7.03
C GLU C 220 30.98 -16.35 -5.77
N ILE C 221 30.43 -15.17 -5.50
CA ILE C 221 29.65 -14.96 -4.25
C ILE C 221 28.15 -15.13 -4.53
N ILE C 222 27.70 -14.71 -5.72
CA ILE C 222 26.26 -14.82 -6.08
C ILE C 222 25.92 -16.31 -6.21
N GLU C 223 26.76 -17.07 -6.91
CA GLU C 223 26.53 -18.53 -7.08
C GLU C 223 26.54 -19.22 -5.70
N ARG C 224 27.44 -18.82 -4.82
CA ARG C 224 27.44 -19.42 -3.46
C ARG C 224 26.03 -19.21 -2.86
N MET C 225 25.46 -18.04 -3.05
CA MET C 225 24.11 -17.75 -2.49
C MET C 225 23.06 -18.59 -3.23
N VAL C 226 23.17 -18.72 -4.55
CA VAL C 226 22.20 -19.50 -5.37
C VAL C 226 22.19 -20.97 -4.94
N LEU C 227 23.36 -21.59 -4.78
CA LEU C 227 23.39 -23.02 -4.48
C LEU C 227 23.03 -23.30 -3.02
N ALA C 228 23.46 -22.43 -2.10
CA ALA C 228 23.29 -22.73 -0.69
C ALA C 228 21.84 -22.57 -0.23
N SER C 229 21.06 -21.70 -0.88
CA SER C 229 19.74 -21.39 -0.35
C SER C 229 18.64 -21.33 -1.41
N CYS C 230 18.83 -22.02 -2.54
CA CYS C 230 17.79 -22.17 -3.55
C CYS C 230 17.93 -23.55 -4.18
N PRO C 231 16.86 -24.33 -4.15
CA PRO C 231 16.95 -25.72 -4.58
C PRO C 231 17.13 -25.83 -6.09
N PRO C 232 17.83 -26.87 -6.57
CA PRO C 232 17.96 -27.07 -8.03
C PRO C 232 16.59 -27.16 -8.68
N GLY C 233 16.25 -26.16 -9.48
CA GLY C 233 14.95 -26.04 -10.09
C GLY C 233 14.09 -24.93 -9.51
N GLY C 234 14.43 -24.43 -8.33
CA GLY C 234 13.69 -23.34 -7.74
C GLY C 234 13.87 -22.04 -8.51
N ARG C 235 13.09 -21.04 -8.09
CA ARG C 235 13.10 -19.73 -8.73
C ARG C 235 13.81 -18.71 -7.86
N VAL C 236 14.43 -17.73 -8.51
CA VAL C 236 15.25 -16.72 -7.85
C VAL C 236 14.80 -15.35 -8.35
N LEU C 237 14.59 -14.43 -7.42
CA LEU C 237 14.19 -13.07 -7.75
C LEU C 237 15.31 -12.11 -7.41
N ASP C 238 15.78 -11.36 -8.40
CA ASP C 238 16.72 -10.25 -8.19
C ASP C 238 16.03 -8.98 -8.64
N PRO C 239 15.41 -8.22 -7.74
CA PRO C 239 14.69 -7.01 -8.17
C PRO C 239 15.54 -6.02 -8.92
N PHE C 240 16.82 -5.90 -8.54
CA PHE C 240 17.76 -4.96 -9.16
C PHE C 240 18.91 -5.78 -9.70
N MET C 241 18.67 -6.47 -10.82
CA MET C 241 19.64 -7.42 -11.34
C MET C 241 20.86 -6.77 -11.96
N GLY C 242 20.77 -5.48 -12.33
CA GLY C 242 21.88 -4.80 -12.98
C GLY C 242 22.33 -5.42 -14.29
N SER C 243 23.58 -5.86 -14.33
CA SER C 243 24.14 -6.50 -15.51
C SER C 243 23.81 -7.99 -15.61
N GLY C 244 22.81 -8.45 -14.86
CA GLY C 244 22.41 -9.85 -14.93
C GLY C 244 23.40 -10.81 -14.30
N THR C 245 24.15 -10.37 -13.30
CA THR C 245 25.08 -11.26 -12.62
C THR C 245 24.35 -12.43 -11.97
N THR C 246 23.20 -12.15 -11.35
CA THR C 246 22.39 -13.23 -10.78
C THR C 246 21.70 -14.05 -11.85
N ALA C 247 21.46 -13.47 -13.03
CA ALA C 247 20.82 -14.21 -14.11
C ALA C 247 21.76 -15.27 -14.66
N VAL C 248 23.00 -14.91 -14.97
CA VAL C 248 23.94 -15.87 -15.53
C VAL C 248 24.24 -16.98 -14.54
N ALA C 249 24.21 -16.67 -13.24
CA ALA C 249 24.47 -17.70 -12.23
C ALA C 249 23.35 -18.73 -12.20
N CYS C 250 22.10 -18.28 -12.37
CA CYS C 250 20.97 -19.21 -12.33
C CYS C 250 20.91 -20.05 -13.59
N ALA C 251 21.17 -19.44 -14.76
CA ALA C 251 21.09 -20.15 -16.02
C ALA C 251 22.21 -21.17 -16.22
N ARG C 252 23.19 -21.21 -15.32
CA ARG C 252 24.27 -22.17 -15.39
C ARG C 252 24.30 -23.14 -14.22
N GLN C 253 23.53 -22.87 -13.17
CA GLN C 253 23.52 -23.71 -11.98
C GLN C 253 22.18 -24.43 -11.80
N GLY C 254 21.30 -24.38 -12.80
CA GLY C 254 20.05 -25.10 -12.75
C GLY C 254 19.02 -24.48 -11.83
N ARG C 255 18.73 -23.20 -12.02
CA ARG C 255 17.74 -22.50 -11.22
C ARG C 255 17.00 -21.50 -12.09
N ASP C 256 15.69 -21.39 -11.86
CA ASP C 256 14.89 -20.39 -12.56
C ASP C 256 15.19 -19.00 -12.00
N PHE C 257 15.10 -18.01 -12.89
CA PHE C 257 15.44 -16.63 -12.47
C PHE C 257 14.45 -15.63 -13.00
N VAL C 258 14.07 -14.67 -12.15
CA VAL C 258 13.24 -13.52 -12.62
C VAL C 258 14.00 -12.26 -12.16
N GLY C 259 14.26 -11.33 -13.07
CA GLY C 259 15.03 -10.15 -12.69
C GLY C 259 14.55 -8.89 -13.36
N TYR C 260 14.71 -7.77 -12.68
CA TYR C 260 14.26 -6.48 -13.23
C TYR C 260 15.42 -5.51 -13.24
N GLU C 261 15.47 -4.66 -14.26
CA GLU C 261 16.56 -3.65 -14.35
C GLU C 261 16.00 -2.44 -15.11
N ILE C 262 16.01 -1.29 -14.46
CA ILE C 262 15.46 -0.06 -15.08
C ILE C 262 16.25 0.27 -16.36
N ASN C 263 17.57 0.25 -16.30
CA ASN C 263 18.39 0.67 -17.47
C ASN C 263 18.41 -0.40 -18.54
N GLU C 264 18.28 0.01 -19.80
CA GLU C 264 18.25 -0.94 -20.93
C GLU C 264 19.65 -1.48 -21.21
N SER C 265 20.65 -0.60 -21.31
CA SER C 265 22.04 -1.02 -21.59
C SER C 265 22.43 -2.20 -20.69
N TYR C 266 22.13 -2.08 -19.40
CA TYR C 266 22.44 -3.18 -18.44
C TYR C 266 21.59 -4.37 -18.81
N CYS C 267 20.28 -4.17 -18.88
CA CYS C 267 19.36 -5.26 -19.29
C CYS C 267 19.96 -5.95 -20.51
N ALA C 268 20.52 -5.18 -21.44
CA ALA C 268 21.20 -5.81 -22.60
C ALA C 268 22.35 -6.66 -22.07
N ILE C 269 23.33 -6.02 -21.44
CA ILE C 269 24.49 -6.77 -20.96
C ILE C 269 24.04 -8.05 -20.25
N ALA C 270 22.93 -7.98 -19.51
CA ALA C 270 22.37 -9.16 -18.89
C ALA C 270 22.02 -10.22 -19.93
N HIS C 271 21.40 -9.81 -21.03
CA HIS C 271 21.05 -10.76 -22.08
C HIS C 271 22.31 -11.36 -22.71
N GLU C 272 23.26 -10.51 -23.09
CA GLU C 272 24.53 -11.00 -23.62
C GLU C 272 25.19 -11.98 -22.67
N ARG C 273 25.31 -11.60 -21.40
CA ARG C 273 25.98 -12.44 -20.41
C ARG C 273 25.28 -13.77 -20.20
N VAL C 274 23.98 -13.84 -20.50
CA VAL C 274 23.23 -15.08 -20.32
C VAL C 274 23.09 -15.80 -21.66
N ASN C 275 23.16 -15.04 -22.77
CA ASN C 275 23.04 -15.66 -24.08
C ASN C 275 24.31 -16.39 -24.49
N ALA C 276 25.46 -15.86 -24.10
CA ALA C 276 26.74 -16.41 -24.52
C ALA C 276 27.15 -17.64 -23.72
N LEU C 277 26.34 -18.09 -22.77
CA LEU C 277 26.67 -19.29 -22.00
C LEU C 277 26.51 -20.53 -22.87
N ALA C 278 26.81 -21.68 -22.28
CA ALA C 278 26.71 -22.95 -22.99
C ALA C 278 26.59 -24.12 -22.01
N ILE D 33 48.57 2.51 34.30
CA ILE D 33 47.43 1.60 34.35
C ILE D 33 46.75 1.70 35.71
N GLU D 34 45.41 1.62 35.72
CA GLU D 34 44.61 1.72 36.94
C GLU D 34 43.64 0.52 36.95
N LEU D 35 44.13 -0.61 37.46
CA LEU D 35 43.33 -1.82 37.53
C LEU D 35 42.37 -1.73 38.71
N HIS D 36 41.08 -1.87 38.43
CA HIS D 36 40.03 -1.75 39.45
C HIS D 36 39.11 -2.96 39.37
N ASN D 37 39.15 -3.81 40.39
CA ASN D 37 38.21 -4.92 40.51
C ASN D 37 36.91 -4.36 41.07
N ARG D 38 35.91 -4.19 40.21
CA ARG D 38 34.65 -3.57 40.58
C ARG D 38 33.66 -3.76 39.43
N ASP D 39 32.43 -3.32 39.66
CA ASP D 39 31.42 -3.25 38.61
C ASP D 39 31.43 -1.85 38.02
N PHE D 40 31.59 -1.77 36.69
CA PHE D 40 31.58 -0.47 36.03
C PHE D 40 30.24 0.24 36.23
N LEU D 41 29.14 -0.51 36.12
CA LEU D 41 27.81 0.10 36.13
C LEU D 41 27.46 0.77 37.45
N THR D 42 28.16 0.43 38.53
CA THR D 42 27.97 1.11 39.81
C THR D 42 28.99 2.23 40.02
N ASP D 43 30.26 1.96 39.77
CA ASP D 43 31.33 2.93 39.96
C ASP D 43 31.43 3.93 38.80
N ALA D 44 30.41 4.01 37.94
CA ALA D 44 30.40 4.91 36.81
C ALA D 44 29.90 6.31 37.15
N ALA D 45 29.91 6.68 38.44
CA ALA D 45 29.62 8.05 38.85
C ALA D 45 30.81 8.72 39.52
N HIS D 46 31.80 7.90 39.87
CA HIS D 46 33.00 8.43 40.55
C HIS D 46 33.99 8.71 39.43
N LEU D 47 33.60 8.30 38.22
CA LEU D 47 34.44 8.58 37.04
C LEU D 47 34.01 9.95 36.51
N PRO D 48 34.89 10.96 36.52
CA PRO D 48 34.49 12.28 36.07
C PRO D 48 33.97 12.18 34.66
N ASP D 49 33.06 13.08 34.30
CA ASP D 49 32.58 13.11 32.89
C ASP D 49 33.58 13.89 32.04
N ALA D 50 33.59 13.66 30.73
CA ALA D 50 34.51 14.38 29.80
C ALA D 50 35.97 14.27 30.26
N SER D 51 36.39 13.06 30.61
CA SER D 51 37.77 12.85 31.12
C SER D 51 38.46 11.72 30.34
N ILE D 52 37.70 10.97 29.53
CA ILE D 52 38.27 9.81 28.80
C ILE D 52 38.28 10.11 27.29
N ASP D 53 39.44 9.97 26.63
CA ASP D 53 39.50 10.31 25.21
C ASP D 53 39.34 9.09 24.30
N LEU D 54 39.18 7.90 24.86
CA LEU D 54 38.97 6.70 24.06
C LEU D 54 38.39 5.62 24.95
N ILE D 55 37.23 5.09 24.57
CA ILE D 55 36.66 3.91 25.23
C ILE D 55 36.86 2.72 24.30
N VAL D 56 37.90 1.94 24.58
CA VAL D 56 37.92 0.56 24.14
C VAL D 56 36.95 -0.22 25.02
N ALA D 57 36.12 -1.06 24.40
CA ALA D 57 35.08 -1.73 25.16
C ALA D 57 34.78 -3.09 24.52
N ASP D 58 35.14 -4.16 25.20
CA ASP D 58 34.78 -5.51 24.80
C ASP D 58 33.79 -6.07 25.80
N PRO D 59 32.51 -5.77 25.64
CA PRO D 59 31.51 -6.20 26.62
C PRO D 59 31.06 -7.62 26.36
N PRO D 60 30.28 -8.21 27.26
CA PRO D 60 29.65 -9.50 26.95
C PRO D 60 28.82 -9.39 25.69
N TYR D 61 29.02 -10.35 24.77
CA TYR D 61 28.32 -10.30 23.49
C TYR D 61 26.84 -10.64 23.62
N GLY D 62 26.46 -11.35 24.67
CA GLY D 62 25.12 -11.91 24.77
C GLY D 62 25.03 -13.37 24.40
N LEU D 63 26.16 -14.07 24.29
CA LEU D 63 26.20 -15.49 24.00
C LEU D 63 26.40 -16.28 25.29
N GLY D 64 26.04 -17.55 25.24
CA GLY D 64 26.22 -18.43 26.39
C GLY D 64 27.68 -18.67 26.72
N LYS D 65 28.16 -18.05 27.81
CA LYS D 65 29.56 -18.15 28.22
C LYS D 65 29.64 -18.18 29.74
N ASP D 66 30.86 -18.16 30.25
CA ASP D 66 31.11 -18.18 31.70
C ASP D 66 32.34 -17.34 31.96
N TYR D 67 32.15 -16.22 32.67
CA TYR D 67 33.24 -15.38 33.14
C TYR D 67 33.38 -15.44 34.66
N GLY D 68 33.04 -16.58 35.25
CA GLY D 68 32.92 -16.62 36.71
C GLY D 68 31.71 -15.90 37.24
N ASN D 69 30.79 -15.49 36.37
CA ASN D 69 29.58 -14.78 36.75
C ASN D 69 28.55 -15.02 35.64
N ASP D 70 27.51 -14.17 35.58
CA ASP D 70 26.41 -14.37 34.65
C ASP D 70 26.23 -13.21 33.68
N SER D 71 27.29 -12.45 33.40
CA SER D 71 27.15 -11.26 32.57
C SER D 71 26.73 -11.62 31.15
N ASP D 72 27.32 -12.65 30.57
CA ASP D 72 27.01 -13.04 29.21
C ASP D 72 25.76 -13.88 29.09
N LYS D 73 25.18 -14.32 30.21
CA LYS D 73 23.98 -15.14 30.18
C LYS D 73 22.73 -14.35 29.78
N ARG D 74 22.86 -13.05 29.51
CA ARG D 74 21.73 -12.25 29.05
C ARG D 74 21.49 -12.47 27.56
N SER D 75 20.28 -12.16 27.12
CA SER D 75 19.90 -12.33 25.72
C SER D 75 18.67 -11.47 25.45
N GLY D 76 18.26 -11.46 24.19
CA GLY D 76 17.10 -10.72 23.74
C GLY D 76 17.20 -9.25 24.07
N ASP D 77 16.04 -8.64 24.31
CA ASP D 77 16.00 -7.24 24.72
C ASP D 77 16.47 -7.04 26.15
N ASP D 78 16.61 -8.11 26.93
CA ASP D 78 17.19 -7.99 28.27
C ASP D 78 18.65 -7.60 28.18
N PHE D 79 19.41 -8.24 27.29
CA PHE D 79 20.80 -7.86 27.09
C PHE D 79 20.92 -6.50 26.43
N LEU D 80 20.04 -6.21 25.47
CA LEU D 80 20.12 -4.94 24.75
C LEU D 80 19.83 -3.77 25.68
N ALA D 81 18.84 -3.92 26.57
CA ALA D 81 18.56 -2.86 27.55
C ALA D 81 19.73 -2.70 28.51
N TRP D 82 20.34 -3.81 28.93
CA TRP D 82 21.54 -3.72 29.75
C TRP D 82 22.69 -3.10 28.99
N THR D 83 22.80 -3.41 27.70
CA THR D 83 23.80 -2.76 26.87
C THR D 83 23.56 -1.25 26.81
N ARG D 84 22.32 -0.85 26.52
CA ARG D 84 21.98 0.57 26.52
C ARG D 84 22.26 1.23 27.87
N GLU D 85 22.22 0.45 28.95
CA GLU D 85 22.48 1.01 30.27
C GLU D 85 23.93 1.44 30.41
N TRP D 86 24.87 0.50 30.33
CA TRP D 86 26.27 0.85 30.48
C TRP D 86 26.76 1.75 29.36
N LEU D 87 26.09 1.74 28.20
CA LEU D 87 26.40 2.69 27.15
C LEU D 87 26.15 4.11 27.61
N GLU D 88 24.90 4.41 28.00
CA GLU D 88 24.53 5.77 28.39
C GLU D 88 25.29 6.25 29.62
N LEU D 89 25.88 5.34 30.38
CA LEU D 89 26.70 5.73 31.52
C LEU D 89 28.15 6.02 31.12
N ALA D 90 28.62 5.48 30.00
CA ALA D 90 30.00 5.63 29.57
C ALA D 90 30.20 6.73 28.54
N ILE D 91 29.17 6.96 27.71
CA ILE D 91 29.28 8.00 26.65
C ILE D 91 29.61 9.36 27.28
N PRO D 92 28.92 9.85 28.34
CA PRO D 92 29.20 11.19 28.85
C PRO D 92 30.59 11.38 29.44
N LYS D 93 31.28 10.28 29.74
CA LYS D 93 32.66 10.36 30.29
C LYS D 93 33.62 10.69 29.14
N LEU D 94 33.11 10.79 27.93
CA LEU D 94 34.00 11.02 26.77
C LEU D 94 34.25 12.51 26.56
N LYS D 95 35.50 12.87 26.28
CA LYS D 95 35.84 14.27 25.96
C LYS D 95 35.25 14.62 24.58
N PRO D 96 35.13 15.91 24.21
CA PRO D 96 34.63 16.26 22.88
C PRO D 96 35.49 15.77 21.72
N SER D 97 36.73 15.38 22.02
CA SER D 97 37.66 14.87 20.96
C SER D 97 37.83 13.37 21.16
N GLY D 98 36.84 12.74 21.77
CA GLY D 98 36.98 11.32 22.12
C GLY D 98 36.30 10.38 21.16
N SER D 99 36.63 9.10 21.27
CA SER D 99 36.07 8.10 20.34
C SER D 99 35.70 6.84 21.12
N MET D 100 35.08 5.88 20.45
CA MET D 100 34.61 4.68 21.11
C MET D 100 34.73 3.48 20.21
N TYR D 101 35.34 2.41 20.72
CA TYR D 101 35.38 1.12 20.07
C TYR D 101 34.57 0.14 20.91
N ILE D 102 33.66 -0.59 20.28
CA ILE D 102 32.80 -1.53 20.98
C ILE D 102 32.71 -2.82 20.19
N PHE D 103 33.07 -3.93 20.84
CA PHE D 103 32.98 -5.24 20.22
C PHE D 103 31.56 -5.78 20.37
N CYS D 104 31.00 -6.28 19.27
CA CYS D 104 29.65 -6.84 19.29
C CYS D 104 29.60 -8.07 18.40
N THR D 105 28.53 -8.85 18.59
CA THR D 105 28.27 -10.01 17.72
C THR D 105 27.22 -9.60 16.72
N TRP D 106 27.17 -10.28 15.58
CA TRP D 106 26.22 -9.93 14.49
C TRP D 106 24.77 -10.10 14.95
N GLN D 107 24.57 -10.77 16.07
CA GLN D 107 23.18 -11.07 16.52
C GLN D 107 22.54 -9.83 17.15
N TYR D 108 23.34 -8.88 17.63
CA TYR D 108 22.74 -7.71 18.35
C TYR D 108 23.25 -6.42 17.75
N ALA D 109 24.43 -6.45 17.14
CA ALA D 109 25.04 -5.23 16.57
C ALA D 109 24.02 -4.41 15.77
N PRO D 110 23.24 -4.95 14.82
CA PRO D 110 22.33 -4.13 14.07
C PRO D 110 21.57 -3.17 14.98
N GLU D 111 21.04 -3.67 16.10
CA GLU D 111 20.28 -2.83 17.05
C GLU D 111 21.22 -1.95 17.86
N ILE D 112 22.23 -2.56 18.48
CA ILE D 112 23.24 -1.79 19.29
C ILE D 112 23.74 -0.61 18.45
N PHE D 113 24.42 -0.88 17.34
CA PHE D 113 25.00 0.18 16.53
C PHE D 113 23.99 1.28 16.23
N SER D 114 22.81 0.90 15.73
CA SER D 114 21.78 1.89 15.38
C SER D 114 21.44 2.80 16.56
N PHE D 115 21.47 2.25 17.79
CA PHE D 115 21.23 3.10 18.96
C PHE D 115 22.36 4.10 19.15
N LEU D 116 23.60 3.64 19.00
CA LEU D 116 24.75 4.53 19.16
C LEU D 116 24.72 5.69 18.17
N LYS D 117 24.18 5.49 16.97
CA LYS D 117 24.13 6.56 15.98
C LYS D 117 23.25 7.71 16.45
N THR D 118 22.20 7.42 17.22
CA THR D 118 21.36 8.48 17.76
C THR D 118 22.09 9.27 18.86
N GLN D 119 23.24 8.81 19.33
CA GLN D 119 24.03 9.50 20.33
C GLN D 119 25.36 10.00 19.78
N LEU D 120 26.09 9.12 19.11
CA LEU D 120 27.43 9.48 18.57
C LEU D 120 27.41 9.33 17.03
N THR D 121 28.56 9.54 16.40
CA THR D 121 28.67 9.39 14.93
C THR D 121 29.48 8.15 14.65
N MET D 122 28.97 7.25 13.81
CA MET D 122 29.74 6.05 13.42
C MET D 122 30.87 6.45 12.47
N VAL D 123 32.11 6.27 12.90
CA VAL D 123 33.24 6.54 12.01
C VAL D 123 33.52 5.33 11.13
N ASN D 124 33.32 4.12 11.66
CA ASN D 124 33.62 2.91 10.86
C ASN D 124 33.04 1.63 11.46
N GLU D 125 32.77 0.64 10.60
CA GLU D 125 32.40 -0.70 11.09
C GLU D 125 33.63 -1.57 10.81
N ILE D 126 34.32 -1.98 11.86
CA ILE D 126 35.57 -2.77 11.67
C ILE D 126 35.25 -4.25 11.91
N ILE D 127 35.50 -5.08 10.91
CA ILE D 127 35.21 -6.53 11.03
C ILE D 127 36.49 -7.25 11.44
N TRP D 128 36.49 -7.91 12.60
CA TRP D 128 37.68 -8.71 12.97
C TRP D 128 37.55 -10.12 12.43
N ASP D 129 38.19 -10.42 11.30
CA ASP D 129 38.21 -11.81 10.78
C ASP D 129 39.14 -12.60 11.72
N ARG D 130 38.55 -13.47 12.53
CA ARG D 130 39.34 -14.21 13.53
C ARG D 130 40.00 -15.41 12.85
N ARG D 131 39.91 -15.48 11.52
CA ARG D 131 40.59 -16.55 10.77
C ARG D 131 40.08 -17.94 11.13
N VAL D 132 39.92 -18.22 12.42
CA VAL D 132 39.49 -19.53 12.90
C VAL D 132 38.01 -19.46 13.24
N PRO D 133 37.16 -20.31 12.67
CA PRO D 133 35.72 -20.19 12.89
C PRO D 133 35.30 -20.83 14.21
N SER D 134 34.08 -20.52 14.60
CA SER D 134 33.51 -21.11 15.81
C SER D 134 33.13 -22.57 15.55
N MET D 135 33.30 -23.39 16.58
CA MET D 135 33.00 -24.81 16.44
C MET D 135 31.53 -25.06 16.74
N GLY D 136 31.16 -26.32 16.96
CA GLY D 136 29.77 -26.66 17.20
C GLY D 136 29.34 -27.91 16.49
N GLY D 137 29.03 -27.81 15.20
CA GLY D 137 28.65 -28.97 14.41
C GLY D 137 27.51 -28.72 13.44
N THR D 138 27.23 -27.45 13.17
CA THR D 138 26.08 -27.10 12.34
C THR D 138 26.41 -27.27 10.87
N THR D 139 25.36 -27.47 10.06
CA THR D 139 25.50 -27.55 8.59
C THR D 139 24.35 -26.76 7.99
N ARG D 140 23.68 -25.95 8.80
CA ARG D 140 22.48 -25.22 8.31
C ARG D 140 22.75 -23.72 8.17
N ARG D 141 23.95 -23.29 8.53
CA ARG D 141 24.32 -21.86 8.40
C ARG D 141 25.82 -21.72 8.10
N PHE D 142 26.24 -20.53 7.66
CA PHE D 142 27.69 -20.25 7.47
C PHE D 142 28.30 -20.06 8.84
N THR D 143 29.54 -20.52 9.00
CA THR D 143 30.19 -20.47 10.30
C THR D 143 30.66 -19.05 10.61
N SER D 144 30.53 -18.67 11.88
CA SER D 144 30.97 -17.36 12.34
C SER D 144 32.49 -17.32 12.45
N VAL D 145 33.08 -16.33 11.78
CA VAL D 145 34.57 -16.17 11.81
C VAL D 145 34.85 -14.68 12.02
N HIS D 146 33.82 -13.92 12.38
CA HIS D 146 34.00 -12.45 12.54
C HIS D 146 33.23 -11.88 13.74
N ASP D 147 33.76 -10.81 14.33
CA ASP D 147 33.09 -10.07 15.42
C ASP D 147 32.97 -8.63 14.90
N ASN D 148 31.87 -7.93 15.18
CA ASN D 148 31.68 -6.56 14.62
C ASN D 148 32.19 -5.51 15.62
N ILE D 149 33.02 -4.58 15.14
CA ILE D 149 33.55 -3.50 16.02
C ILE D 149 33.06 -2.15 15.50
N GLY D 150 32.36 -1.39 16.34
CA GLY D 150 31.85 -0.10 15.96
C GLY D 150 32.80 1.01 16.40
N PHE D 151 33.16 1.87 15.46
CA PHE D 151 34.03 3.01 15.71
C PHE D 151 33.16 4.25 15.75
N PHE D 152 32.86 4.73 16.96
CA PHE D 152 32.00 5.89 17.15
C PHE D 152 32.79 7.06 17.73
N ALA D 153 32.38 8.25 17.30
CA ALA D 153 33.02 9.48 17.78
C ALA D 153 31.93 10.44 18.26
N VAL D 154 32.30 11.32 19.21
CA VAL D 154 31.32 12.29 19.78
C VAL D 154 31.05 13.37 18.72
N SER D 155 32.09 13.84 18.06
CA SER D 155 31.95 14.90 17.04
C SER D 155 32.87 14.63 15.84
N ARG D 156 32.91 15.55 14.88
CA ARG D 156 33.79 15.40 13.69
C ARG D 156 35.22 15.81 14.09
N ALA D 157 35.45 16.02 15.37
CA ALA D 157 36.78 16.47 15.85
C ALA D 157 37.50 15.32 16.54
N TYR D 158 37.03 14.10 16.29
CA TYR D 158 37.63 12.92 16.96
C TYR D 158 39.11 12.91 16.73
N TYR D 159 39.87 12.57 17.77
CA TYR D 159 41.34 12.43 17.59
C TYR D 159 41.58 11.17 16.80
N PHE D 160 42.41 11.26 15.77
CA PHE D 160 42.78 10.07 15.02
C PHE D 160 44.19 10.26 14.45
N ASP D 161 45.10 9.39 14.84
CA ASP D 161 46.49 9.41 14.36
C ASP D 161 46.77 8.09 13.68
N LEU D 162 46.78 8.11 12.34
CA LEU D 162 46.99 6.87 11.58
C LEU D 162 48.46 6.47 11.56
N ASP D 163 49.37 7.45 11.57
CA ASP D 163 50.81 7.18 11.43
C ASP D 163 51.32 6.06 12.33
N PRO D 164 51.05 6.04 13.65
CA PRO D 164 51.54 4.92 14.47
C PRO D 164 50.86 3.60 14.18
N VAL D 165 49.89 3.57 13.27
CA VAL D 165 49.09 2.40 13.03
C VAL D 165 49.27 1.82 11.63
N ARG D 166 49.76 2.60 10.67
CA ARG D 166 50.00 2.10 9.32
C ARG D 166 50.88 0.86 9.33
N ILE D 167 50.54 -0.11 8.50
CA ILE D 167 51.26 -1.37 8.41
C ILE D 167 52.35 -1.23 7.35
N PRO D 168 53.65 -1.26 7.75
CA PRO D 168 54.71 -1.21 6.78
C PRO D 168 54.71 -2.43 5.88
N TYR D 169 54.98 -2.19 4.61
CA TYR D 169 55.04 -3.30 3.64
C TYR D 169 56.36 -3.99 3.79
N ASP D 170 56.34 -5.30 3.66
CA ASP D 170 57.61 -6.06 3.64
C ASP D 170 58.24 -5.80 2.27
N ALA D 171 59.48 -6.23 2.06
CA ALA D 171 60.18 -5.92 0.80
C ALA D 171 59.45 -6.48 -0.41
N ASP D 172 59.23 -7.79 -0.43
CA ASP D 172 58.65 -8.42 -1.64
C ASP D 172 57.25 -7.87 -1.94
N THR D 173 56.46 -7.57 -0.92
CA THR D 173 55.14 -6.98 -1.16
C THR D 173 55.28 -5.57 -1.70
N LYS D 174 56.23 -4.79 -1.19
CA LYS D 174 56.39 -3.38 -1.62
C LYS D 174 56.81 -3.38 -3.09
N LYS D 175 57.64 -4.35 -3.48
CA LYS D 175 58.11 -4.44 -4.88
C LYS D 175 56.93 -4.76 -5.79
N ALA D 176 55.92 -5.43 -5.26
CA ALA D 176 54.71 -5.74 -6.06
C ALA D 176 53.79 -4.52 -6.11
N ARG D 177 53.68 -3.77 -5.02
CA ARG D 177 52.77 -2.63 -4.97
C ARG D 177 53.34 -1.38 -5.63
N SER D 178 54.66 -1.31 -5.79
CA SER D 178 55.30 -0.08 -6.24
C SER D 178 55.09 0.13 -7.73
N ARG D 179 54.74 1.36 -8.10
CA ARG D 179 54.67 1.80 -9.48
C ARG D 179 55.21 3.22 -9.56
N LYS D 180 55.38 3.71 -10.78
CA LYS D 180 55.82 5.10 -10.96
C LYS D 180 54.86 6.07 -10.28
N LEU D 181 53.56 5.78 -10.34
CA LEU D 181 52.57 6.69 -9.76
C LEU D 181 52.67 6.71 -8.23
N PHE D 182 52.96 5.57 -7.62
CA PHE D 182 52.93 5.45 -6.17
C PHE D 182 54.27 5.70 -5.50
N GLU D 183 55.37 5.56 -6.23
CA GLU D 183 56.70 5.63 -5.62
C GLU D 183 56.92 6.96 -4.90
N GLY D 184 56.98 6.91 -3.58
CA GLY D 184 57.06 8.10 -2.75
C GLY D 184 55.82 8.37 -1.94
N SER D 185 54.71 7.69 -2.23
CA SER D 185 53.48 7.90 -1.49
C SER D 185 53.65 7.48 -0.04
N LYS D 186 52.85 8.10 0.83
CA LYS D 186 52.93 7.81 2.26
C LYS D 186 52.42 6.40 2.56
N TRP D 187 51.42 5.92 1.80
CA TRP D 187 50.90 4.58 2.06
C TRP D 187 51.88 3.50 1.65
N LEU D 188 52.78 3.79 0.70
CA LEU D 188 53.75 2.80 0.25
C LEU D 188 55.04 2.84 1.06
N GLU D 189 55.53 4.03 1.39
CA GLU D 189 56.81 4.12 2.09
C GLU D 189 56.65 3.92 3.59
N MET D 190 55.67 4.59 4.20
CA MET D 190 55.45 4.44 5.63
C MET D 190 54.63 3.20 5.94
N GLY D 191 53.49 3.05 5.30
CA GLY D 191 52.59 1.94 5.55
C GLY D 191 51.18 2.32 5.20
N TYR D 192 50.35 1.30 4.99
CA TYR D 192 48.99 1.49 4.50
C TYR D 192 47.99 1.48 5.65
N ASN D 193 46.76 1.83 5.31
CA ASN D 193 45.68 1.84 6.29
C ASN D 193 45.26 0.41 6.61
N PRO D 194 45.04 0.07 7.89
CA PRO D 194 44.62 -1.30 8.22
C PRO D 194 43.24 -1.67 7.70
N LYS D 195 42.52 -0.70 7.18
CA LYS D 195 41.20 -0.97 6.55
C LYS D 195 40.14 -1.37 7.60
N ASP D 196 38.93 -1.67 7.14
CA ASP D 196 37.80 -2.02 8.06
C ASP D 196 37.67 -3.55 8.19
N VAL D 197 38.63 -4.30 7.69
CA VAL D 197 38.63 -5.78 7.88
C VAL D 197 40.01 -6.13 8.44
N TRP D 198 40.06 -6.53 9.71
CA TRP D 198 41.35 -6.88 10.35
C TRP D 198 41.46 -8.39 10.45
N SER D 199 42.28 -9.00 9.60
CA SER D 199 42.45 -10.48 9.57
C SER D 199 43.53 -10.88 10.56
N VAL D 200 43.18 -10.93 11.84
CA VAL D 200 44.09 -11.32 12.90
C VAL D 200 43.56 -12.61 13.53
N SER D 201 44.41 -13.62 13.60
CA SER D 201 43.98 -14.94 14.03
C SER D 201 43.49 -14.93 15.47
N ARG D 202 42.55 -15.83 15.74
CA ARG D 202 42.12 -16.10 17.11
C ARG D 202 43.34 -16.52 17.95
N LEU D 203 43.30 -16.17 19.24
CA LEU D 203 44.39 -16.50 20.15
C LEU D 203 44.27 -17.95 20.58
N HIS D 204 45.20 -18.80 20.11
CA HIS D 204 45.24 -20.19 20.51
C HIS D 204 45.47 -20.29 22.01
N ARG D 205 45.06 -21.42 22.60
CA ARG D 205 45.30 -21.62 24.02
C ARG D 205 46.78 -21.75 24.32
N GLN D 206 47.50 -22.53 23.50
CA GLN D 206 48.94 -22.69 23.67
C GLN D 206 49.71 -21.45 23.23
N HIS D 207 49.05 -20.45 22.66
CA HIS D 207 49.70 -19.20 22.27
C HIS D 207 50.44 -18.60 23.46
N ALA D 208 51.65 -18.09 23.21
CA ALA D 208 52.46 -17.51 24.27
C ALA D 208 51.79 -16.29 24.89
N GLU D 209 50.87 -15.65 24.16
CA GLU D 209 50.12 -14.52 24.68
C GLU D 209 48.91 -14.94 25.50
N ARG D 210 48.38 -16.15 25.27
CA ARG D 210 47.14 -16.57 25.89
C ARG D 210 47.26 -16.66 27.40
N VAL D 211 46.22 -16.20 28.10
CA VAL D 211 46.09 -16.35 29.54
C VAL D 211 44.78 -17.07 29.82
N ASP D 212 44.48 -17.30 31.10
CA ASP D 212 43.28 -18.04 31.49
C ASP D 212 42.06 -17.11 31.51
N HIS D 213 41.69 -16.64 30.32
CA HIS D 213 40.45 -15.92 30.13
C HIS D 213 39.68 -16.56 28.99
N PRO D 214 38.35 -16.71 29.12
CA PRO D 214 37.59 -17.41 28.08
C PRO D 214 37.62 -16.72 26.73
N THR D 215 37.56 -15.38 26.70
CA THR D 215 37.48 -14.61 25.46
C THR D 215 38.56 -13.54 25.46
N GLN D 216 39.82 -13.98 25.38
CA GLN D 216 40.94 -13.05 25.24
C GLN D 216 40.91 -12.38 23.88
N LYS D 217 41.51 -11.19 23.81
CA LYS D 217 41.62 -10.47 22.56
C LYS D 217 43.09 -10.28 22.18
N PRO D 218 43.42 -10.33 20.89
CA PRO D 218 44.81 -10.14 20.48
C PRO D 218 45.27 -8.71 20.74
N LEU D 219 46.46 -8.57 21.33
CA LEU D 219 47.01 -7.25 21.59
C LEU D 219 47.26 -6.49 20.29
N GLU D 220 47.46 -7.22 19.19
CA GLU D 220 47.66 -6.58 17.89
C GLU D 220 46.51 -5.64 17.54
N ILE D 221 45.27 -6.11 17.73
CA ILE D 221 44.11 -5.29 17.37
C ILE D 221 43.74 -4.32 18.47
N ILE D 222 44.10 -4.60 19.73
CA ILE D 222 43.80 -3.67 20.81
C ILE D 222 44.74 -2.49 20.78
N GLU D 223 46.03 -2.75 20.52
CA GLU D 223 46.99 -1.65 20.44
C GLU D 223 46.71 -0.74 19.24
N ARG D 224 46.21 -1.32 18.15
CA ARG D 224 45.83 -0.50 17.00
C ARG D 224 44.83 0.57 17.39
N MET D 225 43.82 0.19 18.18
CA MET D 225 42.80 1.15 18.58
C MET D 225 43.35 2.18 19.55
N VAL D 226 44.25 1.77 20.44
CA VAL D 226 44.86 2.70 21.38
C VAL D 226 45.73 3.71 20.62
N LEU D 227 46.60 3.22 19.74
CA LEU D 227 47.53 4.09 19.03
C LEU D 227 46.80 4.99 18.03
N ALA D 228 45.66 4.55 17.50
CA ALA D 228 44.96 5.34 16.50
C ALA D 228 44.01 6.37 17.09
N SER D 229 43.43 6.10 18.27
CA SER D 229 42.37 6.94 18.80
C SER D 229 42.67 7.42 20.21
N CYS D 230 43.95 7.51 20.58
CA CYS D 230 44.29 8.05 21.88
C CYS D 230 45.66 8.72 21.79
N PRO D 231 45.79 9.98 22.21
CA PRO D 231 47.08 10.65 22.14
C PRO D 231 48.03 10.05 23.16
N PRO D 232 49.35 10.12 22.90
CA PRO D 232 50.32 9.68 23.92
C PRO D 232 50.14 10.42 25.23
N GLY D 233 49.57 9.73 26.22
CA GLY D 233 49.33 10.32 27.53
C GLY D 233 47.87 10.46 27.88
N GLY D 234 46.95 10.15 26.97
CA GLY D 234 45.54 10.26 27.25
C GLY D 234 45.04 9.17 28.18
N ARG D 235 43.74 9.20 28.44
CA ARG D 235 43.09 8.29 29.38
C ARG D 235 42.10 7.40 28.63
N VAL D 236 42.47 6.13 28.44
CA VAL D 236 41.59 5.12 27.86
C VAL D 236 40.78 4.49 28.98
N LEU D 237 39.57 4.02 28.65
CA LEU D 237 38.69 3.38 29.62
C LEU D 237 38.19 2.06 29.04
N ASP D 238 38.42 0.98 29.77
CA ASP D 238 37.83 -0.33 29.48
C ASP D 238 36.80 -0.65 30.54
N PRO D 239 35.49 -0.56 30.24
CA PRO D 239 34.49 -0.92 31.24
C PRO D 239 34.49 -2.41 31.57
N PHE D 240 34.94 -3.26 30.65
CA PHE D 240 34.97 -4.70 30.83
C PHE D 240 36.31 -5.19 30.26
N MET D 241 37.33 -5.20 31.12
CA MET D 241 38.70 -5.43 30.67
C MET D 241 39.16 -6.87 30.83
N GLY D 242 38.57 -7.61 31.76
CA GLY D 242 38.90 -9.04 31.92
C GLY D 242 40.39 -9.30 32.01
N SER D 243 40.99 -9.85 30.96
CA SER D 243 42.42 -10.22 30.99
C SER D 243 43.30 -8.97 31.07
N GLY D 244 42.75 -7.81 30.72
CA GLY D 244 43.52 -6.56 30.72
C GLY D 244 44.33 -6.41 29.45
N THR D 245 43.75 -6.75 28.29
CA THR D 245 44.47 -6.55 27.04
C THR D 245 44.63 -5.06 26.73
N THR D 246 43.62 -4.25 27.05
CA THR D 246 43.77 -2.80 26.86
C THR D 246 44.70 -2.19 27.89
N ALA D 247 44.84 -2.83 29.04
CA ALA D 247 45.78 -2.31 30.04
C ALA D 247 47.20 -2.41 29.49
N VAL D 248 47.55 -3.58 28.95
CA VAL D 248 48.94 -3.77 28.46
C VAL D 248 49.14 -2.87 27.24
N ALA D 249 48.12 -2.73 26.40
CA ALA D 249 48.23 -1.81 25.24
C ALA D 249 48.64 -0.45 25.75
N CYS D 250 47.92 0.06 26.75
CA CYS D 250 48.17 1.43 27.19
C CYS D 250 49.53 1.54 27.86
N ALA D 251 49.95 0.50 28.59
CA ALA D 251 51.25 0.55 29.25
C ALA D 251 52.39 0.50 28.25
N ARG D 252 52.29 -0.36 27.23
CA ARG D 252 53.35 -0.47 26.25
C ARG D 252 53.51 0.80 25.41
N GLN D 253 52.48 1.65 25.36
CA GLN D 253 52.48 2.81 24.47
C GLN D 253 52.36 4.12 25.22
N GLY D 254 52.63 4.14 26.52
CA GLY D 254 52.65 5.38 27.27
C GLY D 254 51.31 6.11 27.35
N ARG D 255 50.24 5.36 27.62
CA ARG D 255 48.91 5.94 27.78
C ARG D 255 48.34 5.47 29.12
N ASP D 256 47.60 6.35 29.78
CA ASP D 256 46.93 5.98 31.02
C ASP D 256 45.82 4.97 30.72
N PHE D 257 45.19 4.46 31.78
CA PHE D 257 44.17 3.44 31.59
C PHE D 257 43.28 3.37 32.82
N VAL D 258 41.98 3.14 32.59
CA VAL D 258 41.02 2.92 33.64
C VAL D 258 40.21 1.68 33.28
N GLY D 259 40.33 0.62 34.08
CA GLY D 259 39.68 -0.64 33.79
C GLY D 259 38.75 -1.06 34.90
N TYR D 260 37.68 -1.77 34.53
CA TYR D 260 36.71 -2.31 35.48
C TYR D 260 36.54 -3.80 35.22
N GLU D 261 36.62 -4.59 36.28
CA GLU D 261 36.47 -6.04 36.18
C GLU D 261 35.75 -6.56 37.41
N ILE D 262 34.79 -7.45 37.20
CA ILE D 262 34.02 -8.01 38.31
C ILE D 262 34.67 -9.28 38.85
N ASN D 263 35.17 -10.15 37.97
CA ASN D 263 35.79 -11.39 38.40
C ASN D 263 37.10 -11.10 39.13
N GLU D 264 37.30 -11.73 40.28
CA GLU D 264 38.48 -11.38 41.10
C GLU D 264 39.79 -11.78 40.40
N SER D 265 39.92 -13.03 39.96
CA SER D 265 41.22 -13.49 39.39
C SER D 265 41.49 -12.90 38.01
N TYR D 266 40.45 -12.56 37.25
CA TYR D 266 40.69 -11.90 35.95
C TYR D 266 41.56 -10.67 36.19
N CYS D 267 41.19 -9.83 37.17
CA CYS D 267 41.97 -8.62 37.48
C CYS D 267 43.40 -9.01 37.86
N ALA D 268 43.52 -10.08 38.65
CA ALA D 268 44.86 -10.58 39.03
C ALA D 268 45.65 -10.89 37.76
N ILE D 269 44.97 -11.53 36.80
CA ILE D 269 45.65 -11.90 35.52
C ILE D 269 46.17 -10.61 34.90
N ALA D 270 45.32 -9.58 34.84
CA ALA D 270 45.76 -8.28 34.30
C ALA D 270 47.00 -7.80 35.07
N HIS D 271 46.88 -7.69 36.38
CA HIS D 271 48.03 -7.18 37.18
C HIS D 271 49.29 -7.91 36.74
N GLU D 272 49.24 -9.24 36.71
CA GLU D 272 50.44 -10.05 36.36
C GLU D 272 50.95 -9.63 34.97
N ARG D 273 50.06 -9.51 34.01
CA ARG D 273 50.44 -9.12 32.63
C ARG D 273 51.10 -7.72 32.67
N VAL D 274 50.42 -6.75 33.27
CA VAL D 274 50.93 -5.35 33.29
C VAL D 274 52.30 -5.34 33.99
N ASN D 275 52.46 -6.12 35.06
CA ASN D 275 53.77 -6.19 35.75
C ASN D 275 54.75 -7.00 34.89
N ALA D 276 55.40 -6.33 33.94
CA ALA D 276 56.39 -7.01 33.06
C ALA D 276 57.05 -5.97 32.14
N SFG M . -34.18 -11.23 -4.82
CA SFG M . -34.83 -12.37 -5.53
C SFG M . -33.77 -13.14 -6.31
O SFG M . -34.12 -14.16 -6.90
OXT SFG M . -32.64 -12.68 -6.30
CB SFG M . -35.96 -11.83 -6.41
CG SFG M . -37.28 -11.65 -5.71
CD SFG M . -38.41 -11.20 -6.63
NE SFG M . -38.07 -9.84 -7.17
C5' SFG M . -39.74 -11.17 -5.90
C4' SFG M . -40.31 -12.52 -5.57
O4' SFG M . -41.34 -12.38 -4.56
C3' SFG M . -40.98 -13.21 -6.76
O3' SFG M . -40.23 -14.38 -7.11
C2' SFG M . -42.40 -13.54 -6.28
O2' SFG M . -42.81 -14.84 -6.65
C1' SFG M . -42.26 -13.41 -4.77
N9 SFG M . -43.49 -13.04 -4.08
C8 SFG M . -44.53 -12.30 -4.59
N7 SFG M . -45.49 -12.10 -3.72
C5 SFG M . -45.07 -12.77 -2.59
C6 SFG M . -45.65 -12.93 -1.32
N6 SFG M . -46.84 -12.43 -0.98
N1 SFG M . -44.97 -13.64 -0.40
C2 SFG M . -43.78 -14.15 -0.74
N3 SFG M . -43.13 -14.05 -1.90
C4 SFG M . -43.84 -13.34 -2.79
N SFG N . -26.48 25.40 -12.56
CA SFG N . -25.69 26.49 -12.00
C SFG N . -24.28 26.45 -12.57
O SFG N . -23.44 27.35 -12.24
OXT SFG N . -23.94 25.54 -13.35
CB SFG N . -25.68 26.41 -10.47
CG SFG N . -26.84 27.21 -9.91
CD SFG N . -27.02 26.94 -8.43
NE SFG N . -27.14 25.51 -8.23
C5' SFG N . -28.28 27.63 -7.91
C4' SFG N . -28.20 29.16 -8.17
O4' SFG N . -29.38 29.69 -8.07
C3' SFG N . -27.35 29.83 -7.08
O3' SFG N . -26.29 30.48 -7.64
C2' SFG N . -28.28 30.85 -6.38
O2' SFG N . -27.54 32.11 -6.08
C1' SFG N . -29.22 31.08 -7.25
N9 SFG N . -30.48 31.41 -6.64
C8 SFG N . -30.93 31.08 -5.42
N7 SFG N . -32.15 31.60 -5.29
C5 SFG N . -32.45 32.25 -6.41
C6 SFG N . -33.57 32.97 -6.80
N6 SFG N . -34.82 33.26 -6.12
N1 SFG N . -33.61 33.53 -8.00
C2 SFG N . -32.56 33.40 -8.84
N3 SFG N . -31.47 32.71 -8.46
C4 SFG N . -31.42 32.14 -7.25
N SFG O . 24.10 -6.82 -9.13
CA SFG O . 24.19 -5.98 -10.33
C SFG O . 25.50 -6.28 -11.04
O SFG O . 25.76 -5.64 -12.08
OXT SFG O . 26.22 -7.14 -10.52
CB SFG O . 24.13 -4.50 -9.92
CG SFG O . 22.78 -4.01 -9.45
CD SFG O . 22.83 -2.63 -8.82
NE SFG O . 23.26 -2.77 -7.39
C5' SFG O . 21.47 -1.94 -8.87
C4' SFG O . 20.88 -1.79 -10.25
O4' SFG O . 19.44 -1.77 -10.14
C3' SFG O . 21.29 -0.52 -10.98
O3' SFG O . 21.68 -0.83 -12.31
C2' SFG O . 20.03 0.35 -10.93
O2' SFG O . 19.92 1.18 -12.07
C1' SFG O . 18.93 -0.71 -10.92
N9 SFG O . 17.68 -0.29 -10.33
C8 SFG O . 17.45 0.82 -9.56
N7 SFG O . 16.21 0.93 -9.15
C5 SFG O . 15.59 -0.19 -9.68
C6 SFG O . 14.26 -0.66 -9.62
N6 SFG O . 13.30 -0.03 -8.95
N1 SFG O . 13.96 -1.80 -10.26
C2 SFG O . 14.94 -2.43 -10.93
N3 SFG O . 16.21 -2.09 -11.06
C4 SFG O . 16.48 -0.94 -10.41
N SFG P . 38.07 -8.45 26.17
CA SFG P . 38.60 -8.39 27.51
C SFG P . 39.87 -9.22 27.58
O SFG P . 39.97 -10.12 28.45
OXT SFG P . 40.80 -9.00 26.76
CB SFG P . 37.58 -8.89 28.53
CG SFG P . 36.47 -9.68 27.84
CD SFG P . 35.25 -9.85 28.75
NE SFG P . 34.07 -10.02 27.91
C5' SFG P . 35.04 -8.61 29.62
C4' SFG P . 35.14 -8.93 31.14
O4' SFG P . 34.49 -8.02 31.81
C3' SFG P . 34.48 -10.29 31.49
O3' SFG P . 35.42 -11.11 32.02
C2' SFG P . 33.39 -9.98 32.54
O2' SFG P . 33.48 -10.94 33.67
C1' SFG P . 33.64 -8.77 32.97
N9 SFG P . 32.41 -8.07 33.20
C8 SFG P . 31.18 -8.39 32.80
N7 SFG P . 30.33 -7.46 33.24
C5 SFG P . 31.04 -6.55 33.93
C6 SFG P . 30.68 -5.40 34.59
N6 SFG P . 29.39 -4.76 34.78
N1 SFG P . 31.60 -4.66 35.20
C2 SFG P . 32.90 -5.05 35.17
N3 SFG P . 33.25 -6.18 34.52
C4 SFG P . 32.33 -6.93 33.90
#